data_8RIP
#
_entry.id   8RIP
#
_cell.length_a   79.155
_cell.length_b   134.350
_cell.length_c   140.848
_cell.angle_alpha   90.00
_cell.angle_beta   90.00
_cell.angle_gamma   90.00
#
_symmetry.space_group_name_H-M   'P 21 21 21'
#
loop_
_entity.id
_entity.type
_entity.pdbx_description
1 polymer '3-keto-5-aminohexanoate cleavage protein'
2 non-polymer 'MALONATE ION'
3 non-polymer 'COENZYME A'
4 non-polymer 'ZINC ION'
5 water water
#
_entity_poly.entity_id   1
_entity_poly.type   'polypeptide(L)'
_entity_poly.pdbx_seq_one_letter_code
;MGHHHHHHHHHHSSGHIEGRHGSRMSLNGKVIITCAVTGAIHTPSMSPYLPVSASEITDAAIGAAEAGAAVIHLHARHEG
DGSPDQSVEAFNPILGVIKQASDAVLNITTGGAPTMSIAERIQPAQHYRPELASLNMGTMNFGLFPMLNRYESQLKHQWE
RNYLGNKDIIFRNTFGDVEHVMTTLGAGGTRFEFECYDTSHLYNLKHFYDRGLVKGPLFIQTVFGLMGGIGAHPDDVLHM
KRTADRLFGQDYRWSVLGAGRNQLNIAAMSAAMGGHVRVGLEDNLWAGKGRLAETNAQQVRAARQIVEGLGLEVATPAEA
RELLALKGGDQVNF
;
_entity_poly.pdbx_strand_id   A,B,C,D
#
# COMPACT_ATOMS: atom_id res chain seq x y z
N ARG A 24 -2.26 26.11 -15.99
CA ARG A 24 -0.87 26.23 -15.55
C ARG A 24 -0.71 27.10 -14.32
N MET A 25 -0.06 28.26 -14.49
CA MET A 25 0.28 29.11 -13.35
C MET A 25 -0.97 29.50 -12.56
N SER A 26 -2.02 29.95 -13.27
CA SER A 26 -3.19 30.44 -12.55
C SER A 26 -3.91 29.33 -11.78
N LEU A 27 -3.60 28.04 -12.04
CA LEU A 27 -4.32 26.92 -11.43
C LEU A 27 -3.47 26.07 -10.50
N ASN A 28 -2.15 26.21 -10.52
CA ASN A 28 -1.31 25.48 -9.59
C ASN A 28 -1.71 25.82 -8.16
N GLY A 29 -1.81 24.79 -7.32
CA GLY A 29 -2.10 25.02 -5.92
C GLY A 29 -3.49 25.50 -5.61
N LYS A 30 -4.44 25.36 -6.54
CA LYS A 30 -5.82 25.74 -6.30
C LYS A 30 -6.62 24.50 -5.92
N VAL A 31 -7.34 24.58 -4.80
CA VAL A 31 -8.11 23.45 -4.26
C VAL A 31 -9.59 23.79 -4.38
N ILE A 32 -10.34 22.96 -5.10
CA ILE A 32 -11.79 23.12 -5.19
C ILE A 32 -12.40 22.60 -3.89
N ILE A 33 -13.17 23.46 -3.22
CA ILE A 33 -14.04 23.01 -2.12
C ILE A 33 -15.45 22.89 -2.67
N THR A 34 -15.99 21.67 -2.64
CA THR A 34 -17.40 21.42 -2.89
C THR A 34 -18.11 21.41 -1.55
N CYS A 35 -19.30 22.02 -1.48
CA CYS A 35 -20.10 21.95 -0.26
C CYS A 35 -21.44 21.29 -0.57
N ALA A 36 -21.69 20.15 0.08
CA ALA A 36 -22.92 19.38 -0.08
C ALA A 36 -23.83 19.78 1.08
N VAL A 37 -24.83 20.62 0.79
CA VAL A 37 -25.48 21.35 1.90
C VAL A 37 -26.53 20.55 2.67
N THR A 38 -27.12 19.48 2.11
CA THR A 38 -28.15 18.80 2.90
C THR A 38 -28.27 17.31 2.56
N GLY A 39 -28.20 16.95 1.27
CA GLY A 39 -28.25 15.54 0.94
C GLY A 39 -29.59 14.87 1.25
N ALA A 40 -29.52 13.55 1.42
CA ALA A 40 -30.70 12.71 1.58
C ALA A 40 -30.54 11.67 2.69
N ILE A 41 -29.40 11.62 3.37
CA ILE A 41 -29.11 10.54 4.30
C ILE A 41 -29.41 10.99 5.73
N HIS A 42 -28.79 12.09 6.18
CA HIS A 42 -29.16 12.66 7.47
C HIS A 42 -30.62 13.07 7.44
N THR A 43 -31.28 13.03 8.59
CA THR A 43 -32.69 13.37 8.70
C THR A 43 -32.88 14.53 9.67
N PRO A 44 -33.99 15.27 9.57
CA PRO A 44 -34.11 16.52 10.35
C PRO A 44 -34.02 16.32 11.86
N SER A 45 -34.48 15.19 12.38
CA SER A 45 -34.41 14.98 13.83
C SER A 45 -32.97 14.88 14.33
N MET A 46 -31.99 14.65 13.46
CA MET A 46 -30.61 14.50 13.90
C MET A 46 -29.94 15.82 14.24
N SER A 47 -30.39 16.91 13.63
CA SER A 47 -29.79 18.22 13.91
C SER A 47 -30.72 19.32 13.47
N PRO A 48 -30.95 20.33 14.31
CA PRO A 48 -31.78 21.46 13.89
C PRO A 48 -31.12 22.31 12.81
N TYR A 49 -29.85 22.08 12.52
CA TYR A 49 -29.10 22.85 11.53
C TYR A 49 -29.12 22.22 10.15
N LEU A 50 -29.71 21.05 10.00
CA LEU A 50 -29.82 20.44 8.68
C LEU A 50 -30.78 21.25 7.83
N PRO A 51 -30.36 21.78 6.69
CA PRO A 51 -31.29 22.59 5.88
C PRO A 51 -32.42 21.76 5.29
N VAL A 52 -33.64 22.29 5.38
CA VAL A 52 -34.81 21.55 4.90
C VAL A 52 -35.58 22.36 3.88
N SER A 53 -36.05 23.55 4.26
CA SER A 53 -36.88 24.32 3.33
C SER A 53 -36.02 24.84 2.17
N ALA A 54 -36.70 25.19 1.08
CA ALA A 54 -35.99 25.75 -0.06
C ALA A 54 -35.12 26.94 0.35
N SER A 55 -35.65 27.82 1.21
CA SER A 55 -34.87 28.99 1.58
C SER A 55 -33.75 28.64 2.55
N GLU A 56 -33.92 27.64 3.41
CA GLU A 56 -32.80 27.18 4.22
C GLU A 56 -31.70 26.60 3.34
N ILE A 57 -32.08 25.89 2.29
CA ILE A 57 -31.08 25.31 1.39
C ILE A 57 -30.38 26.40 0.58
N THR A 58 -31.12 27.40 0.10
CA THR A 58 -30.46 28.44 -0.68
C THR A 58 -29.57 29.30 0.23
N ASP A 59 -30.03 29.61 1.44
CA ASP A 59 -29.18 30.33 2.40
C ASP A 59 -27.91 29.54 2.69
N ALA A 60 -28.06 28.23 2.88
CA ALA A 60 -26.89 27.40 3.15
C ALA A 60 -25.92 27.42 1.98
N ALA A 61 -26.44 27.31 0.75
CA ALA A 61 -25.58 27.29 -0.43
C ALA A 61 -24.88 28.62 -0.62
N ILE A 62 -25.61 29.72 -0.46
CA ILE A 62 -25.02 31.04 -0.68
C ILE A 62 -23.95 31.32 0.36
N GLY A 63 -24.22 30.98 1.63
CA GLY A 63 -23.23 31.20 2.67
C GLY A 63 -21.98 30.35 2.49
N ALA A 64 -22.15 29.12 2.01
CA ALA A 64 -21.01 28.26 1.77
C ALA A 64 -20.17 28.76 0.60
N ALA A 65 -20.84 29.23 -0.46
CA ALA A 65 -20.12 29.81 -1.59
C ALA A 65 -19.34 31.04 -1.15
N GLU A 66 -19.96 31.91 -0.33
CA GLU A 66 -19.28 33.12 0.13
C GLU A 66 -18.12 32.79 1.07
N ALA A 67 -18.18 31.66 1.77
CA ALA A 67 -17.07 31.22 2.59
C ALA A 67 -15.94 30.59 1.77
N GLY A 68 -16.18 30.26 0.50
CA GLY A 68 -15.10 29.73 -0.32
C GLY A 68 -15.42 28.46 -1.11
N ALA A 69 -16.64 27.96 -1.05
CA ALA A 69 -16.97 26.77 -1.83
C ALA A 69 -17.23 27.16 -3.28
N ALA A 70 -16.44 26.61 -4.22
CA ALA A 70 -16.61 26.89 -5.64
C ALA A 70 -17.73 26.09 -6.27
N VAL A 71 -18.10 24.96 -5.68
CA VAL A 71 -19.15 24.08 -6.17
C VAL A 71 -20.11 23.81 -5.03
N ILE A 72 -21.41 23.88 -5.29
CA ILE A 72 -22.43 23.51 -4.32
C ILE A 72 -23.15 22.27 -4.85
N HIS A 73 -23.13 21.20 -4.06
CA HIS A 73 -23.84 19.96 -4.41
C HIS A 73 -25.21 19.96 -3.74
N LEU A 74 -26.27 19.76 -4.53
CA LEU A 74 -27.63 20.08 -4.11
C LEU A 74 -28.57 18.87 -4.16
N HIS A 75 -29.30 18.67 -3.07
CA HIS A 75 -30.54 17.90 -2.98
C HIS A 75 -31.65 18.84 -2.53
N ALA A 76 -32.88 18.37 -2.59
CA ALA A 76 -34.04 19.10 -2.08
C ALA A 76 -34.82 18.18 -1.13
N ARG A 77 -35.70 18.78 -0.33
CA ARG A 77 -36.48 18.06 0.67
C ARG A 77 -37.93 18.56 0.68
N HIS A 78 -38.85 17.69 1.08
CA HIS A 78 -40.22 18.13 1.34
C HIS A 78 -40.25 19.04 2.56
N GLU A 79 -40.87 20.22 2.41
CA GLU A 79 -40.86 21.17 3.51
C GLU A 79 -41.69 20.70 4.70
N GLY A 80 -42.67 19.84 4.47
CA GLY A 80 -43.56 19.42 5.53
C GLY A 80 -42.90 18.47 6.53
N ASP A 81 -42.24 17.42 6.04
CA ASP A 81 -41.64 16.45 6.94
C ASP A 81 -40.13 16.32 6.80
N GLY A 82 -39.50 17.10 5.93
CA GLY A 82 -38.06 17.03 5.75
C GLY A 82 -37.54 15.85 4.95
N SER A 83 -38.42 15.00 4.43
CA SER A 83 -37.97 13.81 3.70
C SER A 83 -37.39 14.20 2.33
N PRO A 84 -36.56 13.34 1.74
CA PRO A 84 -35.99 13.65 0.42
C PRO A 84 -37.06 13.90 -0.63
N ASP A 85 -36.82 14.93 -1.45
CA ASP A 85 -37.72 15.28 -2.55
C ASP A 85 -36.87 15.45 -3.80
N GLN A 86 -37.01 14.52 -4.75
CA GLN A 86 -36.22 14.55 -5.97
C GLN A 86 -37.08 14.90 -7.19
N SER A 87 -38.23 15.53 -6.97
CA SER A 87 -39.04 16.02 -8.07
C SER A 87 -38.38 17.21 -8.76
N VAL A 88 -38.71 17.42 -10.03
CA VAL A 88 -38.22 18.60 -10.74
C VAL A 88 -38.66 19.87 -10.02
N GLU A 89 -39.93 19.90 -9.62
CA GLU A 89 -40.51 21.08 -8.97
C GLU A 89 -39.77 21.46 -7.70
N ALA A 90 -39.24 20.47 -6.97
CA ALA A 90 -38.56 20.75 -5.71
C ALA A 90 -37.33 21.63 -5.89
N PHE A 91 -36.68 21.56 -7.05
CA PHE A 91 -35.50 22.38 -7.29
C PHE A 91 -35.83 23.75 -7.87
N ASN A 92 -37.08 23.98 -8.26
CA ASN A 92 -37.41 25.27 -8.89
C ASN A 92 -37.18 26.47 -7.97
N PRO A 93 -37.60 26.46 -6.70
CA PRO A 93 -37.26 27.57 -5.80
C PRO A 93 -35.83 27.57 -5.28
N ILE A 94 -34.95 26.71 -5.78
CA ILE A 94 -33.60 26.57 -5.26
C ILE A 94 -32.56 27.07 -6.27
N LEU A 95 -32.60 26.55 -7.49
CA LEU A 95 -31.48 26.75 -8.42
C LEU A 95 -31.35 28.21 -8.84
N GLY A 96 -32.44 28.80 -9.33
CA GLY A 96 -32.39 30.18 -9.79
C GLY A 96 -32.01 31.15 -8.69
N VAL A 97 -32.50 30.92 -7.47
CA VAL A 97 -32.17 31.79 -6.34
C VAL A 97 -30.67 31.80 -6.09
N ILE A 98 -30.05 30.61 -6.05
CA ILE A 98 -28.61 30.56 -5.78
C ILE A 98 -27.83 31.21 -6.92
N LYS A 99 -28.21 30.90 -8.16
CA LYS A 99 -27.51 31.45 -9.32
C LYS A 99 -27.56 32.98 -9.31
N GLN A 100 -28.69 33.55 -8.86
CA GLN A 100 -28.78 35.00 -8.81
C GLN A 100 -27.85 35.60 -7.77
N ALA A 101 -27.52 34.84 -6.73
CA ALA A 101 -26.72 35.36 -5.63
C ALA A 101 -25.25 34.95 -5.70
N SER A 102 -24.89 33.97 -6.52
CA SER A 102 -23.54 33.42 -6.47
C SER A 102 -23.17 32.85 -7.83
N ASP A 103 -21.88 32.93 -8.18
CA ASP A 103 -21.46 32.28 -9.42
C ASP A 103 -20.93 30.86 -9.19
N ALA A 104 -21.19 30.29 -8.02
CA ALA A 104 -20.76 28.91 -7.75
C ALA A 104 -21.35 27.94 -8.77
N VAL A 105 -20.57 26.91 -9.10
CA VAL A 105 -21.07 25.83 -9.94
C VAL A 105 -22.09 25.02 -9.15
N LEU A 106 -23.28 24.81 -9.73
CA LEU A 106 -24.33 24.06 -9.06
C LEU A 106 -24.33 22.61 -9.58
N ASN A 107 -24.09 21.69 -8.66
CA ASN A 107 -23.97 20.25 -8.92
C ASN A 107 -25.27 19.61 -8.43
N ILE A 108 -26.11 19.14 -9.36
CA ILE A 108 -27.41 18.56 -9.04
C ILE A 108 -27.25 17.06 -8.84
N THR A 109 -27.82 16.54 -7.76
CA THR A 109 -27.73 15.10 -7.52
C THR A 109 -28.53 14.32 -8.57
N THR A 110 -27.97 13.20 -9.04
CA THR A 110 -28.75 12.12 -9.65
C THR A 110 -28.82 10.91 -8.73
N GLY A 111 -28.34 11.04 -7.49
CA GLY A 111 -28.47 9.98 -6.52
C GLY A 111 -29.77 10.06 -5.74
N GLY A 112 -30.25 11.28 -5.49
CA GLY A 112 -31.39 11.44 -4.60
C GLY A 112 -31.18 10.69 -3.31
N ALA A 113 -32.26 10.02 -2.82
CA ALA A 113 -32.09 9.04 -1.75
C ALA A 113 -31.77 7.68 -2.35
N PRO A 114 -30.94 6.87 -1.68
CA PRO A 114 -30.49 5.59 -2.28
C PRO A 114 -31.61 4.57 -2.47
N THR A 115 -32.79 4.82 -1.93
CA THR A 115 -33.96 3.98 -2.16
C THR A 115 -34.65 4.26 -3.49
N MET A 116 -34.22 5.28 -4.24
CA MET A 116 -34.98 5.74 -5.39
C MET A 116 -34.53 5.09 -6.69
N SER A 117 -35.47 4.97 -7.63
CA SER A 117 -35.21 4.45 -8.97
C SER A 117 -34.50 5.48 -9.84
N ILE A 118 -33.86 4.98 -10.90
CA ILE A 118 -33.21 5.86 -11.87
C ILE A 118 -34.23 6.80 -12.50
N ALA A 119 -35.42 6.26 -12.81
CA ALA A 119 -36.43 7.07 -13.49
C ALA A 119 -36.83 8.28 -12.66
N GLU A 120 -36.94 8.12 -11.35
CA GLU A 120 -37.19 9.27 -10.49
C GLU A 120 -35.94 10.15 -10.38
N ARG A 121 -34.78 9.53 -10.20
CA ARG A 121 -33.56 10.28 -9.89
C ARG A 121 -33.08 11.16 -11.04
N ILE A 122 -33.32 10.75 -12.29
CA ILE A 122 -32.69 11.44 -13.41
C ILE A 122 -33.37 12.77 -13.75
N GLN A 123 -34.60 12.99 -13.32
CA GLN A 123 -35.40 14.05 -13.92
C GLN A 123 -34.91 15.47 -13.63
N PRO A 124 -34.47 15.82 -12.41
CA PRO A 124 -33.98 17.20 -12.21
C PRO A 124 -32.81 17.55 -13.12
N ALA A 125 -31.74 16.73 -13.15
CA ALA A 125 -30.62 17.08 -14.01
C ALA A 125 -31.01 17.05 -15.48
N GLN A 126 -31.89 16.13 -15.86
CA GLN A 126 -32.32 16.10 -17.26
C GLN A 126 -33.03 17.40 -17.63
N HIS A 127 -33.87 17.90 -16.73
CA HIS A 127 -34.64 19.11 -17.02
C HIS A 127 -33.77 20.37 -16.96
N TYR A 128 -33.00 20.51 -15.87
CA TYR A 128 -32.29 21.77 -15.60
C TYR A 128 -30.96 21.88 -16.34
N ARG A 129 -30.46 20.79 -16.91
CA ARG A 129 -29.22 20.78 -17.69
C ARG A 129 -28.08 21.50 -16.97
N PRO A 130 -27.74 21.10 -15.74
CA PRO A 130 -26.70 21.80 -14.99
C PRO A 130 -25.31 21.58 -15.60
N GLU A 131 -24.36 22.39 -15.13
CA GLU A 131 -22.97 22.19 -15.52
C GLU A 131 -22.44 20.87 -15.00
N LEU A 132 -22.87 20.48 -13.81
CA LEU A 132 -22.36 19.31 -13.10
C LEU A 132 -23.52 18.55 -12.51
N ALA A 133 -23.45 17.21 -12.58
CA ALA A 133 -24.38 16.34 -11.90
C ALA A 133 -23.60 15.18 -11.32
N SER A 134 -24.02 14.72 -10.14
CA SER A 134 -23.40 13.52 -9.60
C SER A 134 -23.78 12.33 -10.47
N LEU A 135 -22.90 11.32 -10.52
CA LEU A 135 -23.15 10.08 -11.24
C LEU A 135 -22.57 8.93 -10.42
N ASN A 136 -23.43 8.12 -9.83
CA ASN A 136 -22.99 7.06 -8.95
C ASN A 136 -22.63 5.82 -9.76
N MET A 137 -21.49 5.22 -9.45
CA MET A 137 -20.81 4.35 -10.42
C MET A 137 -21.02 2.87 -10.17
N GLY A 138 -21.83 2.49 -9.20
CA GLY A 138 -22.07 1.07 -9.01
C GLY A 138 -23.23 0.78 -8.09
N THR A 139 -23.92 -0.33 -8.32
CA THR A 139 -24.95 -0.78 -7.38
C THR A 139 -24.30 -1.27 -6.09
N MET A 140 -24.89 -0.89 -4.95
CA MET A 140 -24.32 -1.21 -3.65
C MET A 140 -25.40 -1.26 -2.59
N ASN A 141 -25.17 -2.06 -1.55
CA ASN A 141 -25.91 -1.91 -0.31
C ASN A 141 -25.68 -0.51 0.24
N PHE A 142 -26.69 0.03 0.91
CA PHE A 142 -26.55 1.31 1.60
C PHE A 142 -27.12 1.16 3.00
N GLY A 143 -26.24 1.12 4.00
CA GLY A 143 -26.66 0.92 5.37
C GLY A 143 -26.79 2.22 6.14
N LEU A 144 -27.99 2.52 6.60
CA LEU A 144 -28.23 3.69 7.45
C LEU A 144 -28.36 3.32 8.92
N PHE A 145 -28.46 2.03 9.24
CA PHE A 145 -28.59 1.56 10.61
C PHE A 145 -27.39 1.91 11.52
N PRO A 146 -26.20 2.25 11.04
CA PRO A 146 -25.19 2.80 11.98
C PRO A 146 -25.67 4.07 12.69
N MET A 147 -26.59 4.82 12.09
CA MET A 147 -27.12 6.02 12.72
C MET A 147 -28.17 5.72 13.81
N LEU A 148 -28.66 4.48 13.91
CA LEU A 148 -29.70 4.18 14.90
C LEU A 148 -29.18 4.33 16.32
N ASN A 149 -27.94 3.89 16.58
CA ASN A 149 -27.40 3.94 17.94
C ASN A 149 -27.53 5.34 18.52
N ARG A 150 -27.00 6.34 17.80
CA ARG A 150 -27.06 7.69 18.34
C ARG A 150 -28.43 8.33 18.22
N TYR A 151 -29.19 8.04 17.14
CA TYR A 151 -30.32 8.89 16.79
C TYR A 151 -31.69 8.27 16.93
N GLU A 152 -31.80 6.95 17.12
CA GLU A 152 -33.10 6.29 17.01
C GLU A 152 -34.14 6.92 17.94
N SER A 153 -33.78 7.13 19.21
CA SER A 153 -34.78 7.59 20.15
C SER A 153 -35.27 9.00 19.87
N GLN A 154 -34.44 9.85 19.27
CA GLN A 154 -34.84 11.23 19.05
C GLN A 154 -35.55 11.45 17.72
N LEU A 155 -35.82 10.38 16.96
CA LEU A 155 -36.51 10.53 15.69
C LEU A 155 -37.96 10.92 15.92
N LYS A 156 -38.35 12.09 15.37
CA LYS A 156 -39.70 12.60 15.54
C LYS A 156 -40.69 12.09 14.49
N HIS A 157 -40.22 11.63 13.33
CA HIS A 157 -41.08 11.21 12.24
C HIS A 157 -40.98 9.70 12.01
N GLN A 158 -42.12 9.07 11.75
CA GLN A 158 -42.09 7.64 11.43
C GLN A 158 -41.25 7.37 10.18
N TRP A 159 -41.28 8.28 9.18
CA TRP A 159 -40.49 8.04 7.99
C TRP A 159 -39.00 7.92 8.32
N GLU A 160 -38.53 8.68 9.30
CA GLU A 160 -37.13 8.57 9.70
C GLU A 160 -36.84 7.20 10.29
N ARG A 161 -37.75 6.68 11.12
CA ARG A 161 -37.54 5.37 11.71
C ARG A 161 -37.53 4.27 10.65
N ASN A 162 -38.46 4.33 9.70
CA ASN A 162 -38.56 3.31 8.66
C ASN A 162 -37.33 3.33 7.76
N TYR A 163 -36.86 4.54 7.43
CA TYR A 163 -35.72 4.73 6.53
C TYR A 163 -34.43 4.23 7.16
N LEU A 164 -34.12 4.70 8.37
CA LEU A 164 -32.88 4.33 9.03
C LEU A 164 -32.85 2.84 9.39
N GLY A 165 -34.00 2.23 9.64
CA GLY A 165 -34.04 0.83 9.97
C GLY A 165 -34.07 -0.13 8.79
N ASN A 166 -34.09 0.38 7.57
CA ASN A 166 -34.23 -0.46 6.38
C ASN A 166 -32.91 -1.20 6.11
N LYS A 167 -32.87 -2.51 6.38
CA LYS A 167 -31.67 -3.30 6.12
C LYS A 167 -31.55 -3.77 4.67
N ASP A 168 -32.46 -3.37 3.79
CA ASP A 168 -32.49 -3.90 2.44
C ASP A 168 -32.40 -2.81 1.38
N ILE A 169 -31.72 -1.72 1.69
CA ILE A 169 -31.57 -0.65 0.70
C ILE A 169 -30.55 -1.08 -0.33
N ILE A 170 -30.96 -1.09 -1.60
CA ILE A 170 -30.06 -1.28 -2.72
C ILE A 170 -30.01 0.04 -3.48
N PHE A 171 -28.81 0.63 -3.54
CA PHE A 171 -28.57 1.88 -4.26
C PHE A 171 -28.25 1.46 -5.69
N ARG A 172 -29.25 1.52 -6.57
CA ARG A 172 -29.14 0.87 -7.87
C ARG A 172 -28.44 1.78 -8.87
N ASN A 173 -27.39 1.23 -9.52
CA ASN A 173 -26.60 1.93 -10.55
C ASN A 173 -26.00 0.84 -11.46
N THR A 174 -26.86 0.16 -12.25
CA THR A 174 -26.34 -0.91 -13.09
C THR A 174 -25.49 -0.34 -14.22
N PHE A 175 -24.77 -1.24 -14.92
CA PHE A 175 -24.04 -0.80 -16.11
C PHE A 175 -24.98 -0.15 -17.13
N GLY A 176 -26.15 -0.74 -17.34
CA GLY A 176 -27.10 -0.14 -18.27
C GLY A 176 -27.64 1.19 -17.78
N ASP A 177 -27.90 1.30 -16.47
CA ASP A 177 -28.33 2.58 -15.89
C ASP A 177 -27.29 3.67 -16.13
N VAL A 178 -26.04 3.40 -15.77
CA VAL A 178 -25.00 4.43 -15.89
C VAL A 178 -24.82 4.84 -17.35
N GLU A 179 -24.84 3.88 -18.28
CA GLU A 179 -24.77 4.25 -19.69
C GLU A 179 -25.94 5.14 -20.08
N HIS A 180 -27.16 4.80 -19.63
CA HIS A 180 -28.33 5.61 -19.92
C HIS A 180 -28.17 7.03 -19.41
N VAL A 181 -27.72 7.19 -18.16
CA VAL A 181 -27.59 8.54 -17.60
C VAL A 181 -26.49 9.31 -18.33
N MET A 182 -25.37 8.66 -18.63
CA MET A 182 -24.30 9.32 -19.36
C MET A 182 -24.81 9.85 -20.70
N THR A 183 -25.52 9.01 -21.47
CA THR A 183 -26.03 9.46 -22.77
C THR A 183 -27.05 10.58 -22.61
N THR A 184 -28.01 10.39 -21.70
CA THR A 184 -29.13 11.34 -21.60
C THR A 184 -28.66 12.71 -21.11
N LEU A 185 -27.89 12.74 -20.02
CA LEU A 185 -27.44 14.02 -19.48
C LEU A 185 -26.29 14.61 -20.29
N GLY A 186 -25.43 13.76 -20.85
CA GLY A 186 -24.34 14.26 -21.68
C GLY A 186 -24.82 15.07 -22.86
N ALA A 187 -25.98 14.70 -23.42
CA ALA A 187 -26.55 15.43 -24.55
C ALA A 187 -26.85 16.88 -24.19
N GLY A 188 -27.08 17.15 -22.92
CA GLY A 188 -27.38 18.48 -22.44
C GLY A 188 -26.18 19.29 -22.02
N GLY A 189 -24.96 18.79 -22.29
CA GLY A 189 -23.75 19.47 -21.90
C GLY A 189 -23.36 19.31 -20.44
N THR A 190 -24.13 18.56 -19.67
CA THR A 190 -23.78 18.29 -18.28
C THR A 190 -22.57 17.37 -18.22
N ARG A 191 -21.62 17.70 -17.34
CA ARG A 191 -20.52 16.81 -17.02
C ARG A 191 -20.73 16.24 -15.63
N PHE A 192 -20.02 15.15 -15.33
CA PHE A 192 -20.32 14.39 -14.13
C PHE A 192 -19.24 14.51 -13.07
N GLU A 193 -19.69 14.47 -11.82
CA GLU A 193 -18.84 14.10 -10.71
C GLU A 193 -19.09 12.62 -10.46
N PHE A 194 -18.11 11.79 -10.78
CA PHE A 194 -18.27 10.35 -10.71
C PHE A 194 -18.06 9.90 -9.26
N GLU A 195 -19.14 9.47 -8.61
CA GLU A 195 -19.08 9.09 -7.21
C GLU A 195 -18.69 7.62 -7.12
N CYS A 196 -17.50 7.38 -6.56
CA CYS A 196 -16.89 6.06 -6.51
C CYS A 196 -16.72 5.68 -5.04
N TYR A 197 -17.49 4.67 -4.60
CA TYR A 197 -17.56 4.27 -3.21
C TYR A 197 -16.64 3.11 -2.87
N ASP A 198 -15.96 2.54 -3.86
CA ASP A 198 -15.05 1.41 -3.66
C ASP A 198 -14.29 1.22 -4.96
N THR A 199 -13.28 0.32 -4.90
CA THR A 199 -12.41 0.11 -6.05
C THR A 199 -13.20 -0.24 -7.31
N SER A 200 -14.25 -1.07 -7.18
CA SER A 200 -14.93 -1.55 -8.37
C SER A 200 -15.56 -0.40 -9.15
N HIS A 201 -15.91 0.69 -8.47
CA HIS A 201 -16.51 1.82 -9.16
C HIS A 201 -15.51 2.53 -10.05
N LEU A 202 -14.24 2.59 -9.62
CA LEU A 202 -13.19 3.11 -10.48
C LEU A 202 -13.01 2.21 -11.70
N TYR A 203 -13.01 0.89 -11.47
CA TYR A 203 -12.93 -0.02 -12.61
C TYR A 203 -14.15 0.12 -13.52
N ASN A 204 -15.35 0.28 -12.93
CA ASN A 204 -16.54 0.52 -13.75
C ASN A 204 -16.38 1.78 -14.59
N LEU A 205 -15.87 2.86 -14.00
CA LEU A 205 -15.68 4.10 -14.77
C LEU A 205 -14.67 3.90 -15.90
N LYS A 206 -13.60 3.14 -15.64
CA LYS A 206 -12.60 2.86 -16.65
C LYS A 206 -13.23 2.17 -17.86
N HIS A 207 -14.14 1.22 -17.62
CA HIS A 207 -14.88 0.59 -18.71
C HIS A 207 -15.55 1.64 -19.61
N PHE A 208 -16.29 2.57 -19.01
CA PHE A 208 -17.01 3.57 -19.81
C PHE A 208 -16.07 4.57 -20.47
N TYR A 209 -15.00 4.92 -19.76
CA TYR A 209 -13.98 5.81 -20.33
C TYR A 209 -13.33 5.18 -21.54
N ASP A 210 -12.98 3.89 -21.45
CA ASP A 210 -12.38 3.19 -22.59
C ASP A 210 -13.33 3.13 -23.78
N ARG A 211 -14.63 3.02 -23.54
CA ARG A 211 -15.61 3.02 -24.63
C ARG A 211 -15.91 4.41 -25.16
N GLY A 212 -15.34 5.46 -24.55
CA GLY A 212 -15.58 6.82 -25.01
C GLY A 212 -16.91 7.43 -24.64
N LEU A 213 -17.61 6.87 -23.64
CA LEU A 213 -18.91 7.42 -23.27
C LEU A 213 -18.80 8.66 -22.40
N VAL A 214 -17.64 8.92 -21.80
CA VAL A 214 -17.32 10.17 -21.12
C VAL A 214 -15.90 10.54 -21.51
N LYS A 215 -15.64 11.85 -21.59
CA LYS A 215 -14.34 12.37 -21.98
C LYS A 215 -13.66 13.05 -20.79
N GLY A 216 -12.33 13.04 -20.80
CA GLY A 216 -11.56 13.71 -19.79
C GLY A 216 -11.66 15.22 -19.88
N PRO A 217 -11.25 15.94 -18.81
CA PRO A 217 -10.79 15.40 -17.53
C PRO A 217 -11.96 14.87 -16.70
N LEU A 218 -11.80 13.67 -16.14
CA LEU A 218 -12.86 13.07 -15.33
C LEU A 218 -12.79 13.61 -13.91
N PHE A 219 -13.92 14.09 -13.40
CA PHE A 219 -14.01 14.56 -12.03
C PHE A 219 -14.38 13.37 -11.18
N ILE A 220 -13.40 12.77 -10.49
CA ILE A 220 -13.61 11.52 -9.76
C ILE A 220 -13.65 11.81 -8.28
N GLN A 221 -14.78 11.49 -7.65
CA GLN A 221 -14.92 11.70 -6.22
C GLN A 221 -14.96 10.35 -5.51
N THR A 222 -13.97 10.11 -4.67
CA THR A 222 -13.88 8.86 -3.92
C THR A 222 -14.49 9.07 -2.54
N VAL A 223 -15.46 8.24 -2.19
CA VAL A 223 -16.35 8.43 -1.03
C VAL A 223 -15.98 7.42 0.03
N PHE A 224 -15.65 7.89 1.24
CA PHE A 224 -15.12 7.03 2.31
C PHE A 224 -16.02 7.01 3.52
N GLY A 225 -16.19 5.82 4.10
CA GLY A 225 -16.82 5.69 5.41
C GLY A 225 -18.28 5.32 5.43
N LEU A 226 -18.90 5.03 4.29
CA LEU A 226 -20.31 4.66 4.25
C LEU A 226 -20.46 3.16 4.46
N MET A 227 -21.53 2.77 5.14
CA MET A 227 -21.84 1.36 5.37
C MET A 227 -22.38 0.79 4.07
N GLY A 228 -21.64 -0.14 3.47
CA GLY A 228 -21.87 -0.60 2.12
C GLY A 228 -20.82 -0.11 1.14
N GLY A 229 -19.96 0.81 1.57
CA GLY A 229 -18.87 1.28 0.75
C GLY A 229 -17.54 1.00 1.42
N ILE A 230 -16.46 1.57 0.86
CA ILE A 230 -15.16 1.44 1.50
C ILE A 230 -15.13 2.28 2.78
N GLY A 231 -14.25 1.90 3.70
CA GLY A 231 -14.10 2.61 4.96
C GLY A 231 -13.26 3.85 4.77
N ALA A 232 -12.93 4.48 5.90
CA ALA A 232 -12.21 5.76 5.92
C ALA A 232 -10.80 5.63 6.49
N HIS A 233 -10.25 4.42 6.51
CA HIS A 233 -8.89 4.25 6.96
C HIS A 233 -7.91 4.91 5.97
N PRO A 234 -6.79 5.44 6.45
CA PRO A 234 -5.80 6.00 5.51
C PRO A 234 -5.41 5.05 4.39
N ASP A 235 -5.31 3.74 4.67
CA ASP A 235 -5.01 2.78 3.61
C ASP A 235 -6.08 2.77 2.53
N ASP A 236 -7.35 2.95 2.93
CA ASP A 236 -8.44 3.01 1.96
C ASP A 236 -8.29 4.22 1.05
N VAL A 237 -7.95 5.37 1.63
CA VAL A 237 -7.74 6.59 0.84
C VAL A 237 -6.62 6.38 -0.18
N LEU A 238 -5.48 5.86 0.27
CA LEU A 238 -4.36 5.67 -0.66
C LEU A 238 -4.68 4.63 -1.74
N HIS A 239 -5.41 3.59 -1.37
CA HIS A 239 -5.78 2.58 -2.34
C HIS A 239 -6.64 3.18 -3.45
N MET A 240 -7.62 4.00 -3.08
CA MET A 240 -8.47 4.62 -4.10
C MET A 240 -7.65 5.58 -4.96
N LYS A 241 -6.78 6.36 -4.33
CA LYS A 241 -5.94 7.29 -5.09
C LYS A 241 -5.01 6.55 -6.06
N ARG A 242 -4.32 5.51 -5.58
CA ARG A 242 -3.40 4.77 -6.43
C ARG A 242 -4.12 4.11 -7.59
N THR A 243 -5.32 3.58 -7.34
CA THR A 243 -6.09 2.95 -8.39
C THR A 243 -6.51 3.96 -9.46
N ALA A 244 -7.00 5.12 -9.03
CA ALA A 244 -7.36 6.17 -9.98
C ALA A 244 -6.15 6.64 -10.79
N ASP A 245 -5.00 6.83 -10.12
CA ASP A 245 -3.77 7.19 -10.81
C ASP A 245 -3.43 6.18 -11.90
N ARG A 246 -3.49 4.89 -11.57
CA ARG A 246 -3.11 3.85 -12.52
C ARG A 246 -4.09 3.74 -13.68
N LEU A 247 -5.39 3.89 -13.40
CA LEU A 247 -6.39 3.72 -14.43
C LEU A 247 -6.54 4.94 -15.32
N PHE A 248 -6.36 6.14 -14.77
CA PHE A 248 -6.68 7.36 -15.50
C PHE A 248 -5.50 8.31 -15.70
N GLY A 249 -4.36 8.05 -15.07
CA GLY A 249 -3.18 8.87 -15.30
C GLY A 249 -3.45 10.33 -14.97
N GLN A 250 -3.11 11.19 -15.92
CA GLN A 250 -3.28 12.64 -15.78
C GLN A 250 -4.67 13.12 -16.16
N ASP A 251 -5.55 12.24 -16.66
CA ASP A 251 -6.81 12.69 -17.26
C ASP A 251 -7.95 12.76 -16.27
N TYR A 252 -7.67 13.01 -14.99
CA TYR A 252 -8.73 13.15 -14.00
C TYR A 252 -8.35 14.19 -12.96
N ARG A 253 -9.39 14.66 -12.27
CA ARG A 253 -9.27 15.54 -11.11
C ARG A 253 -9.89 14.80 -9.92
N TRP A 254 -9.13 14.69 -8.83
CA TRP A 254 -9.53 13.90 -7.68
C TRP A 254 -10.22 14.76 -6.63
N SER A 255 -11.37 14.30 -6.13
CA SER A 255 -12.00 14.89 -4.97
C SER A 255 -12.32 13.80 -3.97
N VAL A 256 -12.44 14.18 -2.69
CA VAL A 256 -12.73 13.21 -1.64
C VAL A 256 -13.89 13.69 -0.78
N LEU A 257 -14.51 12.69 -0.15
CA LEU A 257 -15.62 12.92 0.81
C LEU A 257 -15.41 11.93 1.96
N GLY A 258 -15.27 12.42 3.17
CA GLY A 258 -15.18 11.58 4.36
C GLY A 258 -16.43 11.72 5.21
N ALA A 259 -17.08 10.59 5.47
CA ALA A 259 -18.32 10.61 6.25
C ALA A 259 -18.05 10.98 7.71
N GLY A 260 -18.94 11.81 8.27
CA GLY A 260 -18.94 12.03 9.71
C GLY A 260 -17.63 12.64 10.20
N ARG A 261 -17.14 12.11 11.32
CA ARG A 261 -15.94 12.69 11.92
C ARG A 261 -14.68 12.48 11.08
N ASN A 262 -14.74 11.71 9.98
CA ASN A 262 -13.60 11.59 9.07
C ASN A 262 -13.53 12.72 8.06
N GLN A 263 -14.52 13.59 8.04
CA GLN A 263 -14.65 14.58 6.96
C GLN A 263 -13.38 15.42 6.79
N LEU A 264 -12.93 16.06 7.86
CA LEU A 264 -11.80 16.98 7.74
C LEU A 264 -10.47 16.24 7.61
N ASN A 265 -10.32 15.10 8.30
CA ASN A 265 -9.12 14.28 8.15
C ASN A 265 -8.90 13.92 6.69
N ILE A 266 -9.95 13.44 6.03
CA ILE A 266 -9.78 12.99 4.67
C ILE A 266 -9.61 14.19 3.74
N ALA A 267 -10.29 15.30 4.02
CA ALA A 267 -10.06 16.50 3.22
C ALA A 267 -8.60 16.94 3.29
N ALA A 268 -8.00 16.85 4.48
CA ALA A 268 -6.61 17.25 4.64
C ALA A 268 -5.67 16.34 3.86
N MET A 269 -5.90 15.02 3.91
CA MET A 269 -5.11 14.08 3.13
C MET A 269 -5.15 14.42 1.64
N SER A 270 -6.35 14.67 1.11
CA SER A 270 -6.49 14.99 -0.30
C SER A 270 -5.78 16.30 -0.64
N ALA A 271 -6.00 17.35 0.17
CA ALA A 271 -5.36 18.63 -0.11
C ALA A 271 -3.85 18.51 -0.10
N ALA A 272 -3.31 17.74 0.85
CA ALA A 272 -1.88 17.51 0.94
C ALA A 272 -1.34 16.64 -0.19
N MET A 273 -2.20 15.94 -0.92
CA MET A 273 -1.77 15.02 -1.97
C MET A 273 -2.15 15.51 -3.36
N GLY A 274 -2.57 16.77 -3.50
CA GLY A 274 -2.91 17.30 -4.81
C GLY A 274 -4.34 17.11 -5.25
N GLY A 275 -5.23 16.70 -4.34
CA GLY A 275 -6.64 16.56 -4.66
C GLY A 275 -7.49 17.71 -4.13
N HIS A 276 -8.79 17.56 -4.35
CA HIS A 276 -9.81 18.53 -3.98
C HIS A 276 -10.69 17.94 -2.89
N VAL A 277 -11.56 18.75 -2.32
CA VAL A 277 -12.23 18.32 -1.10
C VAL A 277 -13.70 18.68 -1.11
N ARG A 278 -14.49 17.86 -0.39
CA ARG A 278 -15.91 18.12 -0.21
C ARG A 278 -16.21 18.15 1.27
N VAL A 279 -16.98 19.14 1.69
CA VAL A 279 -17.52 19.21 3.03
C VAL A 279 -19.03 19.40 2.89
N GLY A 280 -19.71 19.57 4.02
CA GLY A 280 -21.13 19.88 4.00
C GLY A 280 -21.93 19.03 4.97
N LEU A 281 -23.08 19.54 5.43
CA LEU A 281 -23.90 18.78 6.37
C LEU A 281 -24.59 17.57 5.73
N GLU A 282 -24.55 17.44 4.41
CA GLU A 282 -24.97 16.17 3.80
C GLU A 282 -24.11 15.01 4.30
N ASP A 283 -22.85 15.27 4.64
CA ASP A 283 -21.87 14.22 4.94
C ASP A 283 -21.51 14.13 6.41
N ASN A 284 -21.57 15.24 7.13
CA ASN A 284 -21.09 15.32 8.51
C ASN A 284 -21.87 16.40 9.22
N LEU A 285 -22.52 16.04 10.33
CA LEU A 285 -23.27 17.02 11.10
C LEU A 285 -22.41 17.80 12.09
N TRP A 286 -21.12 17.48 12.21
CA TRP A 286 -20.30 18.03 13.27
C TRP A 286 -19.37 19.14 12.76
N ALA A 287 -19.07 20.07 13.65
CA ALA A 287 -18.01 21.03 13.44
C ALA A 287 -16.75 20.69 14.22
N GLY A 288 -16.90 20.01 15.35
CA GLY A 288 -15.76 19.64 16.15
C GLY A 288 -16.20 18.73 17.28
N LYS A 289 -15.25 18.47 18.18
CA LYS A 289 -15.54 17.62 19.34
C LYS A 289 -16.68 18.20 20.15
N GLY A 290 -17.75 17.43 20.31
CA GLY A 290 -18.90 17.87 21.10
C GLY A 290 -19.62 19.08 20.56
N ARG A 291 -19.54 19.34 19.26
CA ARG A 291 -20.09 20.57 18.69
C ARG A 291 -20.68 20.28 17.32
N LEU A 292 -22.01 20.35 17.22
CA LEU A 292 -22.68 20.29 15.93
C LEU A 292 -22.34 21.51 15.09
N ALA A 293 -22.26 21.32 13.77
CA ALA A 293 -22.09 22.43 12.86
C ALA A 293 -23.40 23.20 12.72
N GLU A 294 -23.32 24.52 12.94
CA GLU A 294 -24.49 25.38 12.80
C GLU A 294 -24.75 25.75 11.36
N THR A 295 -23.70 25.84 10.54
CA THR A 295 -23.87 26.18 9.13
C THR A 295 -22.91 25.36 8.29
N ASN A 296 -23.28 25.19 7.02
CA ASN A 296 -22.35 24.64 6.03
C ASN A 296 -21.12 25.52 5.90
N ALA A 297 -21.30 26.85 5.92
CA ALA A 297 -20.17 27.77 5.79
C ALA A 297 -19.09 27.48 6.83
N GLN A 298 -19.50 27.07 8.03
CA GLN A 298 -18.55 26.75 9.09
C GLN A 298 -17.59 25.63 8.67
N GLN A 299 -18.13 24.59 8.02
CA GLN A 299 -17.26 23.52 7.54
C GLN A 299 -16.39 23.98 6.38
N VAL A 300 -16.92 24.85 5.50
CA VAL A 300 -16.11 25.40 4.42
C VAL A 300 -14.93 26.19 5.00
N ARG A 301 -15.18 26.97 6.06
CA ARG A 301 -14.11 27.75 6.68
C ARG A 301 -13.05 26.84 7.29
N ALA A 302 -13.46 25.71 7.86
CA ALA A 302 -12.47 24.77 8.40
C ALA A 302 -11.61 24.17 7.28
N ALA A 303 -12.23 23.74 6.18
CA ALA A 303 -11.47 23.24 5.04
C ALA A 303 -10.53 24.32 4.50
N ARG A 304 -11.03 25.55 4.40
CA ARG A 304 -10.22 26.65 3.89
C ARG A 304 -9.03 26.92 4.79
N GLN A 305 -9.21 26.81 6.11
CA GLN A 305 -8.10 26.97 7.05
C GLN A 305 -7.02 25.91 6.83
N ILE A 306 -7.43 24.68 6.53
CA ILE A 306 -6.47 23.61 6.23
C ILE A 306 -5.76 23.91 4.91
N VAL A 307 -6.54 24.24 3.86
CA VAL A 307 -5.96 24.53 2.54
C VAL A 307 -4.94 25.67 2.64
N GLU A 308 -5.33 26.76 3.29
CA GLU A 308 -4.43 27.90 3.39
C GLU A 308 -3.27 27.62 4.34
N GLY A 309 -3.49 26.81 5.37
CA GLY A 309 -2.38 26.41 6.24
C GLY A 309 -1.31 25.65 5.48
N LEU A 310 -1.72 24.87 4.48
CA LEU A 310 -0.82 24.16 3.59
C LEU A 310 -0.08 25.08 2.63
N GLY A 311 -0.42 26.37 2.58
CA GLY A 311 0.15 27.24 1.56
C GLY A 311 -0.55 27.18 0.23
N LEU A 312 -1.71 26.52 0.16
CA LEU A 312 -2.53 26.45 -1.04
C LEU A 312 -3.62 27.52 -0.99
N GLU A 313 -4.37 27.63 -2.09
CA GLU A 313 -5.47 28.58 -2.17
C GLU A 313 -6.76 27.87 -2.59
N VAL A 314 -7.88 28.38 -2.10
CA VAL A 314 -9.18 27.88 -2.50
C VAL A 314 -9.50 28.34 -3.92
N ALA A 315 -9.99 27.41 -4.75
CA ALA A 315 -10.34 27.75 -6.13
C ALA A 315 -11.60 28.59 -6.18
N THR A 316 -11.65 29.55 -7.12
CA THR A 316 -12.88 30.27 -7.42
C THR A 316 -13.77 29.43 -8.32
N PRO A 317 -15.05 29.78 -8.45
CA PRO A 317 -15.91 29.08 -9.42
C PRO A 317 -15.33 29.07 -10.84
N ALA A 318 -14.76 30.19 -11.28
CA ALA A 318 -14.17 30.25 -12.61
C ALA A 318 -13.03 29.25 -12.74
N GLU A 319 -12.18 29.17 -11.71
CA GLU A 319 -11.09 28.21 -11.74
C GLU A 319 -11.61 26.77 -11.73
N ALA A 320 -12.65 26.51 -10.95
CA ALA A 320 -13.25 25.17 -10.96
C ALA A 320 -13.78 24.82 -12.35
N ARG A 321 -14.42 25.77 -13.02
CA ARG A 321 -14.94 25.51 -14.36
C ARG A 321 -13.82 25.16 -15.32
N GLU A 322 -12.67 25.81 -15.19
CA GLU A 322 -11.54 25.50 -16.07
C GLU A 322 -10.94 24.14 -15.74
N LEU A 323 -10.72 23.86 -14.44
CA LEU A 323 -10.18 22.58 -14.04
C LEU A 323 -11.06 21.41 -14.47
N LEU A 324 -12.38 21.61 -14.42
CA LEU A 324 -13.33 20.54 -14.68
C LEU A 324 -13.90 20.60 -16.08
N ALA A 325 -13.50 21.59 -16.88
CA ALA A 325 -13.93 21.76 -18.27
C ALA A 325 -15.45 21.84 -18.38
N LEU A 326 -16.05 22.73 -17.58
CA LEU A 326 -17.50 22.86 -17.54
C LEU A 326 -17.99 23.89 -18.56
N LYS A 327 -19.28 23.80 -18.89
CA LYS A 327 -19.85 24.59 -19.98
C LYS A 327 -20.11 26.05 -19.61
N GLY A 328 -20.21 26.38 -18.33
CA GLY A 328 -20.41 27.76 -17.95
C GLY A 328 -21.77 27.98 -17.31
N GLY A 329 -21.80 28.91 -16.35
CA GLY A 329 -23.02 29.18 -15.59
C GLY A 329 -24.12 29.83 -16.39
N ASP A 330 -23.80 30.36 -17.58
CA ASP A 330 -24.76 30.92 -18.51
C ASP A 330 -25.29 29.90 -19.50
N GLN A 331 -24.97 28.61 -19.33
CA GLN A 331 -25.39 27.58 -20.27
C GLN A 331 -26.29 26.54 -19.62
N VAL A 332 -27.05 26.94 -18.61
CA VAL A 332 -27.89 26.01 -17.86
C VAL A 332 -29.36 26.40 -18.06
N ASN A 333 -30.25 25.45 -17.78
CA ASN A 333 -31.69 25.72 -17.96
C ASN A 333 -32.34 26.17 -16.66
N PHE A 334 -31.76 27.19 -16.02
CA PHE A 334 -32.38 27.87 -14.89
C PHE A 334 -31.76 29.25 -14.72
N MET B 25 0.78 -26.73 14.83
CA MET B 25 2.02 -26.68 14.06
C MET B 25 1.97 -27.65 12.87
N SER B 26 1.36 -28.82 13.08
CA SER B 26 1.29 -29.81 12.01
C SER B 26 0.49 -29.30 10.80
N LEU B 27 -0.34 -28.28 10.97
CA LEU B 27 -1.05 -27.66 9.86
C LEU B 27 -0.25 -26.53 9.22
N ASN B 28 0.95 -26.26 9.71
CA ASN B 28 1.80 -25.27 9.08
C ASN B 28 2.16 -25.70 7.67
N GLY B 29 2.13 -24.74 6.76
CA GLY B 29 2.55 -25.00 5.40
C GLY B 29 1.58 -25.82 4.58
N LYS B 30 0.36 -26.02 5.07
CA LYS B 30 -0.69 -26.70 4.31
C LYS B 30 -1.55 -25.67 3.60
N VAL B 31 -1.78 -25.87 2.31
CA VAL B 31 -2.51 -24.93 1.47
C VAL B 31 -3.75 -25.65 0.96
N ILE B 32 -4.92 -25.12 1.31
CA ILE B 32 -6.18 -25.66 0.82
C ILE B 32 -6.37 -25.23 -0.62
N ILE B 33 -6.56 -26.20 -1.51
CA ILE B 33 -7.01 -25.93 -2.86
C ILE B 33 -8.50 -26.24 -2.91
N THR B 34 -9.29 -25.20 -3.20
CA THR B 34 -10.70 -25.38 -3.56
C THR B 34 -10.81 -25.45 -5.07
N CYS B 35 -11.63 -26.38 -5.58
CA CYS B 35 -11.89 -26.42 -7.02
C CYS B 35 -13.37 -26.17 -7.28
N ALA B 36 -13.65 -25.14 -8.06
CA ALA B 36 -15.01 -24.75 -8.41
C ALA B 36 -15.29 -25.25 -9.82
N VAL B 37 -16.07 -26.34 -9.94
CA VAL B 37 -16.02 -27.11 -11.18
C VAL B 37 -16.89 -26.58 -12.32
N THR B 38 -17.90 -25.76 -12.08
CA THR B 38 -18.69 -25.30 -13.22
C THR B 38 -19.32 -23.92 -13.02
N GLY B 39 -19.84 -23.64 -11.82
CA GLY B 39 -20.40 -22.31 -11.55
C GLY B 39 -21.66 -22.00 -12.34
N ALA B 40 -21.90 -20.70 -12.52
CA ALA B 40 -23.09 -20.20 -13.21
C ALA B 40 -22.77 -19.05 -14.16
N ILE B 41 -21.51 -18.64 -14.28
CA ILE B 41 -21.15 -17.48 -15.09
C ILE B 41 -20.74 -17.89 -16.50
N HIS B 42 -19.83 -18.84 -16.62
CA HIS B 42 -19.53 -19.41 -17.93
C HIS B 42 -20.74 -20.20 -18.41
N THR B 43 -20.85 -20.32 -19.73
CA THR B 43 -21.99 -20.98 -20.37
C THR B 43 -21.49 -22.07 -21.29
N PRO B 44 -22.33 -23.07 -21.60
CA PRO B 44 -21.85 -24.26 -22.34
C PRO B 44 -21.21 -23.95 -23.69
N SER B 45 -21.73 -22.96 -24.43
CA SER B 45 -21.18 -22.67 -25.75
C SER B 45 -19.75 -22.13 -25.67
N MET B 46 -19.30 -21.70 -24.48
CA MET B 46 -17.96 -21.14 -24.37
C MET B 46 -16.89 -22.22 -24.43
N SER B 47 -17.19 -23.44 -23.99
CA SER B 47 -16.20 -24.51 -23.91
C SER B 47 -16.93 -25.84 -23.80
N PRO B 48 -16.59 -26.84 -24.63
CA PRO B 48 -17.18 -28.17 -24.45
C PRO B 48 -16.72 -28.85 -23.18
N TYR B 49 -15.71 -28.30 -22.51
CA TYR B 49 -15.16 -28.88 -21.28
C TYR B 49 -15.86 -28.40 -20.02
N LEU B 50 -16.73 -27.39 -20.15
CA LEU B 50 -17.49 -26.92 -19.00
C LEU B 50 -18.49 -28.00 -18.58
N PRO B 51 -18.42 -28.51 -17.35
CA PRO B 51 -19.32 -29.62 -16.96
C PRO B 51 -20.77 -29.16 -16.90
N VAL B 52 -21.67 -29.99 -17.44
CA VAL B 52 -23.09 -29.64 -17.48
C VAL B 52 -23.96 -30.69 -16.81
N SER B 53 -23.90 -31.94 -17.29
CA SER B 53 -24.76 -32.96 -16.71
C SER B 53 -24.29 -33.26 -15.29
N ALA B 54 -25.17 -33.92 -14.53
CA ALA B 54 -24.80 -34.30 -13.17
C ALA B 54 -23.57 -35.20 -13.16
N SER B 55 -23.49 -36.14 -14.12
CA SER B 55 -22.33 -37.03 -14.14
C SER B 55 -21.08 -36.32 -14.61
N GLU B 56 -21.21 -35.31 -15.50
CA GLU B 56 -20.05 -34.49 -15.82
C GLU B 56 -19.56 -33.73 -14.60
N ILE B 57 -20.50 -33.21 -13.80
CA ILE B 57 -20.12 -32.44 -12.61
C ILE B 57 -19.49 -33.36 -11.56
N THR B 58 -20.07 -34.54 -11.33
CA THR B 58 -19.47 -35.44 -10.34
C THR B 58 -18.12 -35.97 -10.81
N ASP B 59 -18.00 -36.33 -12.09
CA ASP B 59 -16.69 -36.73 -12.63
C ASP B 59 -15.66 -35.62 -12.41
N ALA B 60 -16.04 -34.37 -12.70
CA ALA B 60 -15.13 -33.24 -12.53
C ALA B 60 -14.71 -33.08 -11.08
N ALA B 61 -15.66 -33.19 -10.16
CA ALA B 61 -15.37 -33.05 -8.74
C ALA B 61 -14.46 -34.15 -8.24
N ILE B 62 -14.75 -35.40 -8.60
CA ILE B 62 -13.94 -36.52 -8.13
C ILE B 62 -12.52 -36.42 -8.70
N GLY B 63 -12.40 -36.09 -9.99
CA GLY B 63 -11.07 -35.93 -10.57
C GLY B 63 -10.29 -34.81 -9.92
N ALA B 64 -10.97 -33.69 -9.59
CA ALA B 64 -10.28 -32.58 -8.95
C ALA B 64 -9.83 -32.94 -7.55
N ALA B 65 -10.68 -33.65 -6.81
CA ALA B 65 -10.31 -34.08 -5.46
C ALA B 65 -9.12 -35.03 -5.51
N GLU B 66 -9.12 -35.96 -6.48
CA GLU B 66 -8.02 -36.90 -6.60
C GLU B 66 -6.72 -36.21 -7.01
N ALA B 67 -6.82 -35.07 -7.72
CA ALA B 67 -5.64 -34.30 -8.06
C ALA B 67 -5.10 -33.48 -6.89
N GLY B 68 -5.91 -33.29 -5.85
CA GLY B 68 -5.46 -32.64 -4.64
C GLY B 68 -6.36 -31.54 -4.10
N ALA B 69 -7.56 -31.36 -4.66
CA ALA B 69 -8.47 -30.33 -4.14
C ALA B 69 -9.17 -30.86 -2.90
N ALA B 70 -8.97 -30.19 -1.76
CA ALA B 70 -9.60 -30.64 -0.52
C ALA B 70 -11.05 -30.18 -0.39
N VAL B 71 -11.43 -29.12 -1.11
CA VAL B 71 -12.79 -28.58 -1.12
C VAL B 71 -13.26 -28.52 -2.57
N ILE B 72 -14.49 -28.97 -2.83
CA ILE B 72 -15.13 -28.82 -4.14
C ILE B 72 -16.31 -27.86 -3.99
N HIS B 73 -16.30 -26.79 -4.77
CA HIS B 73 -17.38 -25.80 -4.77
C HIS B 73 -18.33 -26.12 -5.91
N LEU B 74 -19.61 -26.28 -5.59
CA LEU B 74 -20.57 -26.93 -6.50
C LEU B 74 -21.73 -26.00 -6.88
N HIS B 75 -22.01 -25.95 -8.17
CA HIS B 75 -23.28 -25.51 -8.75
C HIS B 75 -23.87 -26.66 -9.55
N ALA B 76 -25.14 -26.54 -9.93
CA ALA B 76 -25.80 -27.50 -10.82
C ALA B 76 -26.37 -26.78 -12.03
N ARG B 77 -26.70 -27.57 -13.07
CA ARG B 77 -27.20 -27.03 -14.33
C ARG B 77 -28.31 -27.91 -14.87
N HIS B 78 -29.23 -27.28 -15.61
CA HIS B 78 -30.24 -28.04 -16.34
C HIS B 78 -29.57 -28.87 -17.41
N GLU B 79 -29.89 -30.16 -17.45
CA GLU B 79 -29.19 -31.03 -18.40
C GLU B 79 -29.59 -30.70 -19.84
N GLY B 80 -30.82 -30.22 -20.04
CA GLY B 80 -31.31 -29.97 -21.39
C GLY B 80 -30.62 -28.80 -22.08
N ASP B 81 -30.53 -27.66 -21.40
CA ASP B 81 -29.95 -26.48 -22.05
C ASP B 81 -28.70 -25.95 -21.37
N GLY B 82 -28.28 -26.55 -20.27
CA GLY B 82 -27.07 -26.12 -19.60
C GLY B 82 -27.20 -24.89 -18.76
N SER B 83 -28.39 -24.35 -18.57
CA SER B 83 -28.56 -23.13 -17.78
C SER B 83 -28.45 -23.43 -16.29
N PRO B 84 -28.14 -22.42 -15.47
CA PRO B 84 -28.03 -22.67 -14.03
C PRO B 84 -29.31 -23.23 -13.44
N ASP B 85 -29.16 -24.22 -12.56
CA ASP B 85 -30.28 -24.90 -11.91
C ASP B 85 -29.96 -24.93 -10.42
N GLN B 86 -30.72 -24.18 -9.62
CA GLN B 86 -30.48 -24.05 -8.19
C GLN B 86 -31.59 -24.71 -7.37
N SER B 87 -32.32 -25.65 -7.98
CA SER B 87 -33.32 -26.42 -7.25
C SER B 87 -32.64 -27.43 -6.35
N VAL B 88 -33.36 -27.83 -5.29
CA VAL B 88 -32.87 -28.90 -4.41
C VAL B 88 -32.64 -30.17 -5.21
N GLU B 89 -33.57 -30.50 -6.12
CA GLU B 89 -33.49 -31.75 -6.88
C GLU B 89 -32.26 -31.78 -7.79
N ALA B 90 -31.80 -30.63 -8.26
CA ALA B 90 -30.65 -30.60 -9.16
C ALA B 90 -29.40 -31.14 -8.49
N PHE B 91 -29.31 -30.99 -7.17
CA PHE B 91 -28.13 -31.48 -6.45
C PHE B 91 -28.27 -32.93 -6.00
N ASN B 92 -29.47 -33.52 -6.09
CA ASN B 92 -29.65 -34.89 -5.62
C ASN B 92 -28.75 -35.90 -6.32
N PRO B 93 -28.61 -35.90 -7.65
CA PRO B 93 -27.65 -36.82 -8.29
C PRO B 93 -26.20 -36.35 -8.25
N ILE B 94 -25.87 -35.32 -7.47
CA ILE B 94 -24.51 -34.80 -7.42
C ILE B 94 -23.86 -35.09 -6.07
N LEU B 95 -24.50 -34.68 -4.97
CA LEU B 95 -23.81 -34.60 -3.69
C LEU B 95 -23.48 -35.99 -3.14
N GLY B 96 -24.47 -36.89 -3.11
CA GLY B 96 -24.23 -38.23 -2.61
C GLY B 96 -23.22 -39.00 -3.43
N VAL B 97 -23.23 -38.79 -4.75
CA VAL B 97 -22.29 -39.48 -5.63
C VAL B 97 -20.85 -39.07 -5.31
N ILE B 98 -20.61 -37.76 -5.17
CA ILE B 98 -19.25 -37.33 -4.88
C ILE B 98 -18.81 -37.83 -3.51
N LYS B 99 -19.70 -37.75 -2.52
CA LYS B 99 -19.39 -38.19 -1.17
C LYS B 99 -19.04 -39.69 -1.13
N GLN B 100 -19.72 -40.49 -1.96
CA GLN B 100 -19.39 -41.92 -2.03
C GLN B 100 -17.98 -42.16 -2.54
N ALA B 101 -17.47 -41.27 -3.39
CA ALA B 101 -16.19 -41.49 -4.04
C ALA B 101 -15.03 -40.73 -3.41
N SER B 102 -15.30 -39.74 -2.56
CA SER B 102 -14.26 -38.83 -2.10
C SER B 102 -14.64 -38.25 -0.74
N ASP B 103 -13.65 -38.05 0.13
CA ASP B 103 -13.96 -37.37 1.38
C ASP B 103 -13.76 -35.87 1.29
N ALA B 104 -13.66 -35.33 0.08
CA ALA B 104 -13.53 -33.89 -0.09
C ALA B 104 -14.69 -33.16 0.60
N VAL B 105 -14.40 -31.96 1.09
CA VAL B 105 -15.42 -31.08 1.63
C VAL B 105 -16.26 -30.54 0.48
N LEU B 106 -17.58 -30.70 0.56
CA LEU B 106 -18.45 -30.18 -0.49
C LEU B 106 -19.01 -28.82 -0.07
N ASN B 107 -18.70 -27.79 -0.85
CA ASN B 107 -19.09 -26.40 -0.63
C ASN B 107 -20.24 -26.11 -1.62
N ILE B 108 -21.45 -25.91 -1.10
CA ILE B 108 -22.64 -25.67 -1.94
C ILE B 108 -22.83 -24.17 -2.14
N THR B 109 -23.04 -23.74 -3.38
CA THR B 109 -23.31 -22.33 -3.64
C THR B 109 -24.63 -21.87 -3.01
N THR B 110 -24.62 -20.66 -2.44
CA THR B 110 -25.83 -19.88 -2.26
C THR B 110 -25.87 -18.67 -3.18
N GLY B 111 -24.93 -18.57 -4.11
CA GLY B 111 -24.95 -17.53 -5.11
C GLY B 111 -25.79 -17.93 -6.32
N GLY B 112 -25.75 -19.21 -6.66
CA GLY B 112 -26.44 -19.65 -7.88
C GLY B 112 -26.01 -18.81 -9.05
N ALA B 113 -27.00 -18.45 -9.93
CA ALA B 113 -26.75 -17.41 -10.91
C ALA B 113 -27.07 -16.04 -10.32
N PRO B 114 -26.30 -15.00 -10.68
CA PRO B 114 -26.45 -13.70 -10.00
C PRO B 114 -27.77 -13.01 -10.25
N THR B 115 -28.62 -13.53 -11.15
CA THR B 115 -29.95 -12.99 -11.34
C THR B 115 -30.98 -13.60 -10.39
N MET B 116 -30.60 -14.58 -9.59
CA MET B 116 -31.59 -15.33 -8.80
C MET B 116 -31.88 -14.63 -7.47
N SER B 117 -33.08 -14.90 -6.94
CA SER B 117 -33.51 -14.41 -5.64
C SER B 117 -32.88 -15.21 -4.50
N ILE B 118 -32.82 -14.59 -3.32
CA ILE B 118 -32.32 -15.26 -2.12
C ILE B 118 -33.13 -16.52 -1.82
N ALA B 119 -34.46 -16.46 -2.00
CA ALA B 119 -35.29 -17.61 -1.66
C ALA B 119 -35.02 -18.80 -2.56
N GLU B 120 -34.77 -18.56 -3.86
CA GLU B 120 -34.31 -19.63 -4.72
C GLU B 120 -32.93 -20.12 -4.32
N ARG B 121 -32.01 -19.18 -4.02
CA ARG B 121 -30.61 -19.51 -3.86
C ARG B 121 -30.34 -20.30 -2.57
N ILE B 122 -31.11 -20.07 -1.52
CA ILE B 122 -30.82 -20.64 -0.22
C ILE B 122 -31.23 -22.11 -0.10
N GLN B 123 -32.08 -22.59 -0.99
CA GLN B 123 -32.77 -23.85 -0.70
C GLN B 123 -31.85 -25.07 -0.70
N PRO B 124 -30.91 -25.23 -1.64
CA PRO B 124 -30.03 -26.41 -1.56
C PRO B 124 -29.20 -26.48 -0.28
N ALA B 125 -28.54 -25.38 0.11
CA ALA B 125 -27.76 -25.42 1.35
C ALA B 125 -28.66 -25.62 2.56
N GLN B 126 -29.87 -25.06 2.56
CA GLN B 126 -30.77 -25.28 3.68
C GLN B 126 -31.19 -26.74 3.78
N HIS B 127 -31.46 -27.38 2.64
CA HIS B 127 -31.94 -28.76 2.69
C HIS B 127 -30.83 -29.73 3.03
N TYR B 128 -29.68 -29.61 2.37
CA TYR B 128 -28.62 -30.60 2.47
C TYR B 128 -27.68 -30.38 3.65
N ARG B 129 -27.75 -29.22 4.30
CA ARG B 129 -26.92 -28.91 5.46
C ARG B 129 -25.44 -29.26 5.23
N PRO B 130 -24.81 -28.67 4.20
CA PRO B 130 -23.39 -28.98 3.93
C PRO B 130 -22.48 -28.46 5.03
N GLU B 131 -21.24 -28.96 5.01
CA GLU B 131 -20.23 -28.42 5.92
C GLU B 131 -19.93 -26.96 5.60
N LEU B 132 -19.92 -26.62 4.30
CA LEU B 132 -19.55 -25.31 3.80
C LEU B 132 -20.57 -24.85 2.77
N ALA B 133 -20.88 -23.56 2.78
CA ALA B 133 -21.65 -22.94 1.71
C ALA B 133 -21.06 -21.55 1.44
N SER B 134 -21.12 -21.14 0.18
CA SER B 134 -20.69 -19.79 -0.14
C SER B 134 -21.66 -18.78 0.45
N LEU B 135 -21.16 -17.60 0.74
CA LEU B 135 -21.99 -16.53 1.30
C LEU B 135 -21.45 -15.22 0.73
N ASN B 136 -22.19 -14.63 -0.18
CA ASN B 136 -21.73 -13.45 -0.89
C ASN B 136 -22.09 -12.22 -0.07
N MET B 137 -21.13 -11.30 0.05
CA MET B 137 -21.17 -10.33 1.14
C MET B 137 -21.66 -8.95 0.74
N GLY B 138 -22.08 -8.74 -0.49
CA GLY B 138 -22.62 -7.43 -0.84
C GLY B 138 -23.37 -7.43 -2.16
N THR B 139 -24.31 -6.51 -2.31
CA THR B 139 -24.99 -6.34 -3.58
C THR B 139 -24.06 -5.64 -4.57
N MET B 140 -24.03 -6.12 -5.81
CA MET B 140 -23.10 -5.57 -6.79
C MET B 140 -23.67 -5.75 -8.18
N ASN B 141 -23.23 -4.88 -9.10
CA ASN B 141 -23.37 -5.16 -10.52
C ASN B 141 -22.61 -6.43 -10.86
N PHE B 142 -23.09 -7.13 -11.88
CA PHE B 142 -22.36 -8.28 -12.41
C PHE B 142 -22.33 -8.11 -13.91
N GLY B 143 -21.17 -7.76 -14.45
CA GLY B 143 -21.03 -7.54 -15.88
C GLY B 143 -20.49 -8.74 -16.63
N LEU B 144 -21.36 -9.38 -17.41
CA LEU B 144 -20.93 -10.51 -18.22
C LEU B 144 -20.74 -10.14 -19.68
N PHE B 145 -21.17 -8.94 -20.08
CA PHE B 145 -21.22 -8.60 -21.50
C PHE B 145 -19.84 -8.45 -22.16
N PRO B 146 -18.75 -8.23 -21.41
CA PRO B 146 -17.43 -8.35 -22.06
C PRO B 146 -17.21 -9.72 -22.69
N MET B 147 -17.72 -10.80 -22.08
CA MET B 147 -17.56 -12.12 -22.64
C MET B 147 -18.24 -12.28 -24.00
N LEU B 148 -19.10 -11.32 -24.42
CA LEU B 148 -19.73 -11.39 -25.73
C LEU B 148 -18.73 -11.11 -26.85
N ASN B 149 -17.75 -10.24 -26.62
CA ASN B 149 -16.79 -9.96 -27.67
C ASN B 149 -16.09 -11.24 -28.10
N ARG B 150 -15.70 -12.09 -27.15
CA ARG B 150 -15.01 -13.31 -27.53
C ARG B 150 -15.99 -14.38 -28.01
N TYR B 151 -17.13 -14.54 -27.34
CA TYR B 151 -17.95 -15.74 -27.50
C TYR B 151 -19.25 -15.55 -28.26
N GLU B 152 -19.62 -14.32 -28.63
CA GLU B 152 -20.94 -14.08 -29.21
C GLU B 152 -21.24 -14.99 -30.40
N SER B 153 -20.26 -15.15 -31.31
CA SER B 153 -20.56 -15.85 -32.57
C SER B 153 -20.86 -17.33 -32.39
N GLN B 154 -20.43 -17.94 -31.29
CA GLN B 154 -20.58 -19.38 -31.10
C GLN B 154 -21.73 -19.74 -30.15
N LEU B 155 -22.46 -18.75 -29.63
CA LEU B 155 -23.55 -19.03 -28.70
C LEU B 155 -24.69 -19.78 -29.40
N LYS B 156 -25.05 -20.95 -28.88
CA LYS B 156 -26.14 -21.78 -29.37
C LYS B 156 -27.50 -21.40 -28.79
N HIS B 157 -27.54 -21.09 -27.50
CA HIS B 157 -28.80 -21.00 -26.75
C HIS B 157 -29.23 -19.55 -26.62
N GLN B 158 -30.52 -19.30 -26.87
CA GLN B 158 -31.10 -17.99 -26.61
C GLN B 158 -30.77 -17.50 -25.19
N TRP B 159 -30.89 -18.38 -24.20
CA TRP B 159 -30.66 -17.93 -22.82
C TRP B 159 -29.23 -17.42 -22.62
N GLU B 160 -28.24 -18.03 -23.31
CA GLU B 160 -26.86 -17.58 -23.16
C GLU B 160 -26.68 -16.16 -23.65
N ARG B 161 -27.22 -15.85 -24.81
CA ARG B 161 -27.05 -14.51 -25.38
C ARG B 161 -27.76 -13.46 -24.52
N ASN B 162 -28.97 -13.76 -24.06
CA ASN B 162 -29.73 -12.77 -23.30
C ASN B 162 -29.17 -12.60 -21.90
N TYR B 163 -28.59 -13.65 -21.33
CA TYR B 163 -27.93 -13.58 -20.02
C TYR B 163 -26.64 -12.78 -20.11
N LEU B 164 -25.72 -13.21 -20.97
CA LEU B 164 -24.44 -12.52 -21.11
C LEU B 164 -24.64 -11.08 -21.57
N GLY B 165 -25.68 -10.82 -22.37
CA GLY B 165 -25.92 -9.46 -22.83
C GLY B 165 -26.65 -8.54 -21.88
N ASN B 166 -27.10 -9.03 -20.73
CA ASN B 166 -27.93 -8.25 -19.81
C ASN B 166 -27.05 -7.23 -19.07
N LYS B 167 -27.22 -5.95 -19.38
CA LYS B 167 -26.43 -4.90 -18.72
C LYS B 167 -26.97 -4.48 -17.36
N ASP B 168 -28.02 -5.14 -16.86
CA ASP B 168 -28.70 -4.72 -15.63
C ASP B 168 -28.71 -5.84 -14.58
N ILE B 169 -27.71 -6.72 -14.60
CA ILE B 169 -27.67 -7.77 -13.57
C ILE B 169 -27.28 -7.14 -12.24
N ILE B 170 -28.11 -7.35 -11.22
CA ILE B 170 -27.84 -7.00 -9.84
C ILE B 170 -27.76 -8.29 -9.05
N PHE B 171 -26.57 -8.60 -8.54
CA PHE B 171 -26.34 -9.75 -7.68
C PHE B 171 -26.72 -9.30 -6.27
N ARG B 172 -27.89 -9.69 -5.81
CA ARG B 172 -28.46 -9.13 -4.59
C ARG B 172 -27.97 -9.87 -3.35
N ASN B 173 -27.43 -9.10 -2.38
CA ASN B 173 -26.98 -9.60 -1.07
C ASN B 173 -27.06 -8.43 -0.08
N THR B 174 -28.28 -8.02 0.26
CA THR B 174 -28.45 -6.90 1.18
C THR B 174 -28.02 -7.28 2.58
N PHE B 175 -27.88 -6.27 3.45
CA PHE B 175 -27.59 -6.56 4.85
C PHE B 175 -28.65 -7.49 5.45
N GLY B 176 -29.93 -7.22 5.16
CA GLY B 176 -30.98 -8.12 5.59
C GLY B 176 -30.86 -9.51 5.01
N ASP B 177 -30.54 -9.62 3.72
CA ASP B 177 -30.37 -10.93 3.10
C ASP B 177 -29.29 -11.73 3.80
N VAL B 178 -28.11 -11.12 3.99
CA VAL B 178 -26.98 -11.84 4.56
C VAL B 178 -27.30 -12.28 5.98
N GLU B 179 -27.94 -11.41 6.76
CA GLU B 179 -28.33 -11.80 8.11
C GLU B 179 -29.26 -13.00 8.10
N HIS B 180 -30.21 -13.01 7.17
CA HIS B 180 -31.15 -14.13 7.07
C HIS B 180 -30.45 -15.43 6.69
N VAL B 181 -29.50 -15.36 5.74
CA VAL B 181 -28.80 -16.58 5.34
C VAL B 181 -27.91 -17.08 6.47
N MET B 182 -27.21 -16.18 7.16
CA MET B 182 -26.36 -16.57 8.27
C MET B 182 -27.16 -17.29 9.35
N THR B 183 -28.33 -16.74 9.71
CA THR B 183 -29.15 -17.35 10.75
C THR B 183 -29.71 -18.68 10.30
N THR B 184 -30.29 -18.74 9.10
CA THR B 184 -30.94 -19.95 8.63
C THR B 184 -29.94 -21.08 8.43
N LEU B 185 -28.86 -20.80 7.69
CA LEU B 185 -27.94 -21.89 7.39
C LEU B 185 -27.05 -22.23 8.58
N GLY B 186 -26.71 -21.24 9.40
CA GLY B 186 -25.93 -21.53 10.60
C GLY B 186 -26.61 -22.53 11.52
N ALA B 187 -27.95 -22.54 11.54
CA ALA B 187 -28.69 -23.47 12.37
C ALA B 187 -28.51 -24.92 11.93
N GLY B 188 -28.07 -25.16 10.70
CA GLY B 188 -27.76 -26.49 10.25
C GLY B 188 -26.32 -26.92 10.44
N GLY B 189 -25.51 -26.13 11.15
CA GLY B 189 -24.11 -26.46 11.32
C GLY B 189 -23.23 -26.06 10.14
N THR B 190 -23.82 -25.48 9.10
CA THR B 190 -23.07 -25.03 7.95
C THR B 190 -22.20 -23.83 8.32
N ARG B 191 -20.94 -23.85 7.89
CA ARG B 191 -20.09 -22.69 7.98
C ARG B 191 -19.90 -22.12 6.59
N PHE B 192 -19.46 -20.87 6.53
CA PHE B 192 -19.51 -20.11 5.30
C PHE B 192 -18.12 -19.83 4.74
N GLU B 193 -18.07 -19.83 3.42
CA GLU B 193 -16.98 -19.19 2.71
C GLU B 193 -17.48 -17.81 2.31
N PHE B 194 -16.96 -16.78 2.97
CA PHE B 194 -17.43 -15.40 2.75
C PHE B 194 -16.79 -14.87 1.49
N GLU B 195 -17.61 -14.67 0.43
CA GLU B 195 -17.11 -14.22 -0.87
C GLU B 195 -17.11 -12.71 -0.87
N CYS B 196 -15.93 -12.12 -0.90
CA CYS B 196 -15.74 -10.68 -0.82
C CYS B 196 -15.11 -10.21 -2.12
N TYR B 197 -15.88 -9.44 -2.90
CA TYR B 197 -15.49 -9.00 -4.24
C TYR B 197 -14.87 -7.61 -4.25
N ASP B 198 -14.81 -6.94 -3.10
CA ASP B 198 -14.20 -5.61 -2.98
C ASP B 198 -14.10 -5.26 -1.49
N THR B 199 -13.42 -4.13 -1.21
CA THR B 199 -13.17 -3.74 0.17
C THR B 199 -14.44 -3.68 1.00
N SER B 200 -15.50 -3.12 0.42
CA SER B 200 -16.74 -2.92 1.19
C SER B 200 -17.28 -4.25 1.71
N HIS B 201 -17.06 -5.35 0.99
CA HIS B 201 -17.57 -6.64 1.47
C HIS B 201 -16.84 -7.11 2.72
N LEU B 202 -15.54 -6.82 2.82
CA LEU B 202 -14.85 -7.10 4.07
C LEU B 202 -15.43 -6.26 5.21
N TYR B 203 -15.72 -4.99 4.95
CA TYR B 203 -16.31 -4.15 5.99
C TYR B 203 -17.71 -4.62 6.35
N ASN B 204 -18.49 -5.06 5.36
CA ASN B 204 -19.80 -5.64 5.65
C ASN B 204 -19.66 -6.86 6.55
N LEU B 205 -18.70 -7.73 6.24
CA LEU B 205 -18.46 -8.90 7.09
C LEU B 205 -18.06 -8.48 8.49
N LYS B 206 -17.25 -7.42 8.62
CA LYS B 206 -16.82 -6.94 9.93
C LYS B 206 -18.02 -6.53 10.78
N HIS B 207 -19.03 -5.91 10.15
CA HIS B 207 -20.26 -5.56 10.85
C HIS B 207 -20.95 -6.79 11.45
N PHE B 208 -21.09 -7.87 10.66
CA PHE B 208 -21.77 -9.05 11.18
C PHE B 208 -20.90 -9.78 12.20
N TYR B 209 -19.59 -9.80 11.97
CA TYR B 209 -18.67 -10.40 12.93
C TYR B 209 -18.73 -9.70 14.27
N ASP B 210 -18.80 -8.36 14.25
CA ASP B 210 -18.87 -7.60 15.50
C ASP B 210 -20.20 -7.81 16.22
N ARG B 211 -21.26 -8.14 15.48
CA ARG B 211 -22.55 -8.44 16.09
C ARG B 211 -22.65 -9.90 16.55
N GLY B 212 -21.65 -10.72 16.28
CA GLY B 212 -21.69 -12.10 16.72
C GLY B 212 -22.52 -13.04 15.88
N LEU B 213 -22.93 -12.64 14.67
CA LEU B 213 -23.75 -13.51 13.85
C LEU B 213 -22.97 -14.61 13.17
N VAL B 214 -21.65 -14.45 13.03
CA VAL B 214 -20.75 -15.53 12.62
C VAL B 214 -19.57 -15.52 13.57
N LYS B 215 -19.02 -16.71 13.82
CA LYS B 215 -17.89 -16.88 14.71
C LYS B 215 -16.66 -17.35 13.93
N GLY B 216 -15.48 -17.00 14.43
CA GLY B 216 -14.24 -17.40 13.81
C GLY B 216 -14.00 -18.90 13.95
N PRO B 217 -13.02 -19.43 13.21
CA PRO B 217 -12.23 -18.71 12.21
C PRO B 217 -13.04 -18.43 10.95
N LEU B 218 -13.02 -17.20 10.47
CA LEU B 218 -13.77 -16.84 9.27
C LEU B 218 -12.99 -17.28 8.03
N PHE B 219 -13.68 -17.97 7.12
CA PHE B 219 -13.09 -18.39 5.86
C PHE B 219 -13.43 -17.31 4.84
N ILE B 220 -12.45 -16.47 4.51
CA ILE B 220 -12.67 -15.25 3.75
C ILE B 220 -12.02 -15.43 2.40
N GLN B 221 -12.84 -15.47 1.36
CA GLN B 221 -12.33 -15.54 0.00
C GLN B 221 -12.46 -14.18 -0.69
N THR B 222 -11.34 -13.65 -1.13
CA THR B 222 -11.30 -12.39 -1.85
C THR B 222 -11.26 -12.69 -3.34
N VAL B 223 -12.22 -12.17 -4.07
CA VAL B 223 -12.43 -12.50 -5.48
C VAL B 223 -11.97 -11.35 -6.34
N PHE B 224 -11.07 -11.64 -7.28
CA PHE B 224 -10.40 -10.64 -8.10
C PHE B 224 -10.75 -10.79 -9.57
N GLY B 225 -11.05 -9.67 -10.24
CA GLY B 225 -11.06 -9.63 -11.68
C GLY B 225 -12.42 -9.73 -12.35
N LEU B 226 -13.51 -9.70 -11.59
CA LEU B 226 -14.84 -9.72 -12.18
C LEU B 226 -15.31 -8.32 -12.49
N MET B 227 -16.06 -8.17 -13.59
CA MET B 227 -16.62 -6.85 -13.89
C MET B 227 -17.77 -6.56 -12.95
N GLY B 228 -17.64 -5.49 -12.17
CA GLY B 228 -18.51 -5.22 -11.05
C GLY B 228 -17.83 -5.38 -9.71
N GLY B 229 -16.66 -6.02 -9.69
CA GLY B 229 -15.88 -6.16 -8.47
C GLY B 229 -14.50 -5.54 -8.60
N ILE B 230 -13.61 -5.82 -7.63
CA ILE B 230 -12.25 -5.30 -7.71
C ILE B 230 -11.48 -6.03 -8.83
N GLY B 231 -10.46 -5.36 -9.36
CA GLY B 231 -9.64 -5.94 -10.40
C GLY B 231 -8.65 -6.95 -9.83
N ALA B 232 -7.72 -7.36 -10.70
CA ALA B 232 -6.75 -8.40 -10.35
C ALA B 232 -5.32 -7.87 -10.36
N HIS B 233 -5.12 -6.56 -10.23
CA HIS B 233 -3.78 -6.02 -10.09
C HIS B 233 -3.16 -6.46 -8.76
N PRO B 234 -1.84 -6.65 -8.71
CA PRO B 234 -1.20 -6.94 -7.41
C PRO B 234 -1.55 -5.95 -6.31
N ASP B 235 -1.74 -4.67 -6.65
CA ASP B 235 -2.16 -3.69 -5.64
C ASP B 235 -3.51 -4.06 -5.05
N ASP B 236 -4.43 -4.56 -5.89
CA ASP B 236 -5.74 -4.98 -5.39
C ASP B 236 -5.60 -6.15 -4.42
N VAL B 237 -4.71 -7.10 -4.75
CA VAL B 237 -4.54 -8.27 -3.89
C VAL B 237 -4.03 -7.84 -2.52
N LEU B 238 -2.94 -7.06 -2.49
CA LEU B 238 -2.38 -6.64 -1.21
C LEU B 238 -3.35 -5.77 -0.43
N HIS B 239 -4.14 -4.95 -1.11
CA HIS B 239 -5.12 -4.11 -0.43
C HIS B 239 -6.18 -4.95 0.28
N MET B 240 -6.72 -5.96 -0.42
CA MET B 240 -7.71 -6.81 0.23
C MET B 240 -7.09 -7.58 1.38
N LYS B 241 -5.85 -8.05 1.21
CA LYS B 241 -5.19 -8.79 2.29
C LYS B 241 -4.92 -7.89 3.48
N ARG B 242 -4.42 -6.69 3.25
CA ARG B 242 -4.11 -5.85 4.41
C ARG B 242 -5.39 -5.37 5.09
N THR B 243 -6.48 -5.18 4.34
CA THR B 243 -7.76 -4.86 4.97
C THR B 243 -8.26 -6.02 5.84
N ALA B 244 -8.22 -7.25 5.31
CA ALA B 244 -8.68 -8.38 6.12
C ALA B 244 -7.82 -8.55 7.38
N ASP B 245 -6.50 -8.39 7.24
CA ASP B 245 -5.60 -8.46 8.40
C ASP B 245 -6.02 -7.45 9.47
N ARG B 246 -6.29 -6.20 9.07
CA ARG B 246 -6.63 -5.16 10.04
C ARG B 246 -7.98 -5.42 10.69
N LEU B 247 -8.97 -5.87 9.91
CA LEU B 247 -10.31 -6.02 10.45
C LEU B 247 -10.47 -7.31 11.25
N PHE B 248 -9.81 -8.39 10.86
CA PHE B 248 -10.03 -9.68 11.49
C PHE B 248 -8.82 -10.28 12.19
N GLY B 249 -7.63 -9.69 12.03
CA GLY B 249 -6.46 -10.16 12.77
C GLY B 249 -6.15 -11.62 12.50
N GLN B 250 -6.04 -12.40 13.57
CA GLN B 250 -5.70 -13.82 13.50
C GLN B 250 -6.91 -14.72 13.31
N ASP B 251 -8.13 -14.17 13.32
CA ASP B 251 -9.34 -14.98 13.42
C ASP B 251 -9.94 -15.28 12.05
N TYR B 252 -9.10 -15.45 11.02
CA TYR B 252 -9.62 -15.80 9.71
C TYR B 252 -8.59 -16.61 8.94
N ARG B 253 -9.07 -17.29 7.91
CA ARG B 253 -8.27 -18.02 6.95
C ARG B 253 -8.55 -17.40 5.59
N TRP B 254 -7.49 -17.10 4.85
CA TRP B 254 -7.60 -16.35 3.61
C TRP B 254 -7.56 -17.27 2.39
N SER B 255 -8.51 -17.08 1.46
CA SER B 255 -8.46 -17.75 0.16
C SER B 255 -8.63 -16.72 -0.93
N VAL B 256 -8.10 -17.03 -2.12
CA VAL B 256 -8.18 -16.12 -3.26
C VAL B 256 -8.79 -16.83 -4.44
N LEU B 257 -9.39 -16.02 -5.29
CA LEU B 257 -9.94 -16.43 -6.57
C LEU B 257 -9.51 -15.38 -7.58
N GLY B 258 -8.64 -15.77 -8.53
CA GLY B 258 -8.31 -14.91 -9.64
C GLY B 258 -9.08 -15.32 -10.89
N ALA B 259 -9.94 -14.43 -11.38
CA ALA B 259 -10.76 -14.77 -12.54
C ALA B 259 -9.89 -14.92 -13.79
N GLY B 260 -10.28 -15.86 -14.66
CA GLY B 260 -9.67 -15.95 -15.98
C GLY B 260 -8.16 -16.12 -15.95
N ARG B 261 -7.47 -15.36 -16.78
CA ARG B 261 -6.03 -15.53 -16.93
C ARG B 261 -5.24 -15.13 -15.70
N ASN B 262 -5.87 -14.52 -14.69
CA ASN B 262 -5.18 -14.19 -13.44
C ASN B 262 -5.18 -15.34 -12.45
N GLN B 263 -5.80 -16.47 -12.82
CA GLN B 263 -6.07 -17.52 -11.86
C GLN B 263 -4.79 -18.00 -11.15
N LEU B 264 -3.75 -18.31 -11.91
CA LEU B 264 -2.59 -18.91 -11.27
C LEU B 264 -1.64 -17.86 -10.68
N ASN B 265 -1.55 -16.67 -11.28
CA ASN B 265 -0.77 -15.59 -10.68
C ASN B 265 -1.28 -15.28 -9.28
N ILE B 266 -2.60 -15.16 -9.14
CA ILE B 266 -3.14 -14.76 -7.85
C ILE B 266 -3.09 -15.91 -6.85
N ALA B 267 -3.30 -17.15 -7.33
CA ALA B 267 -3.07 -18.31 -6.47
C ALA B 267 -1.65 -18.33 -5.92
N ALA B 268 -0.66 -18.02 -6.76
CA ALA B 268 0.73 -18.06 -6.31
C ALA B 268 1.02 -16.97 -5.29
N MET B 269 0.47 -15.77 -5.48
CA MET B 269 0.61 -14.71 -4.48
C MET B 269 0.07 -15.18 -3.14
N SER B 270 -1.12 -15.79 -3.14
CA SER B 270 -1.73 -16.20 -1.88
C SER B 270 -0.91 -17.29 -1.21
N ALA B 271 -0.53 -18.33 -1.96
CA ALA B 271 0.25 -19.41 -1.36
C ALA B 271 1.56 -18.89 -0.76
N ALA B 272 2.19 -17.93 -1.43
CA ALA B 272 3.43 -17.34 -0.94
C ALA B 272 3.23 -16.40 0.23
N MET B 273 1.99 -16.01 0.51
CA MET B 273 1.66 -15.07 1.57
C MET B 273 0.90 -15.71 2.73
N GLY B 274 0.81 -17.04 2.75
CA GLY B 274 0.14 -17.74 3.84
C GLY B 274 -1.34 -17.94 3.62
N GLY B 275 -1.83 -17.75 2.40
CA GLY B 275 -3.22 -17.97 2.09
C GLY B 275 -3.45 -19.28 1.33
N HIS B 276 -4.73 -19.49 0.98
CA HIS B 276 -5.22 -20.67 0.30
C HIS B 276 -5.73 -20.27 -1.07
N VAL B 277 -6.06 -21.25 -1.92
CA VAL B 277 -6.24 -20.93 -3.33
C VAL B 277 -7.47 -21.64 -3.89
N ARG B 278 -8.10 -21.00 -4.86
CA ARG B 278 -9.23 -21.58 -5.58
C ARG B 278 -8.91 -21.60 -7.06
N VAL B 279 -9.17 -22.74 -7.70
CA VAL B 279 -9.08 -22.89 -9.15
C VAL B 279 -10.42 -23.45 -9.63
N GLY B 280 -10.49 -23.74 -10.91
CA GLY B 280 -11.67 -24.39 -11.47
C GLY B 280 -12.22 -23.73 -12.72
N LEU B 281 -12.94 -24.51 -13.52
CA LEU B 281 -13.53 -23.97 -14.74
C LEU B 281 -14.69 -23.03 -14.48
N GLU B 282 -15.25 -23.03 -13.26
CA GLU B 282 -16.17 -21.96 -12.88
C GLU B 282 -15.54 -20.59 -13.08
N ASP B 283 -14.22 -20.47 -12.88
CA ASP B 283 -13.52 -19.20 -12.85
C ASP B 283 -12.64 -18.92 -14.06
N ASN B 284 -12.13 -19.95 -14.73
CA ASN B 284 -11.20 -19.75 -15.83
C ASN B 284 -11.33 -20.91 -16.78
N LEU B 285 -11.65 -20.62 -18.05
CA LEU B 285 -11.80 -21.66 -19.06
C LEU B 285 -10.48 -22.05 -19.71
N TRP B 286 -9.40 -21.30 -19.48
CA TRP B 286 -8.19 -21.41 -20.28
C TRP B 286 -7.08 -22.13 -19.52
N ALA B 287 -6.20 -22.77 -20.29
CA ALA B 287 -5.00 -23.40 -19.75
C ALA B 287 -3.73 -22.66 -20.11
N GLY B 288 -3.69 -22.02 -21.26
CA GLY B 288 -2.53 -21.26 -21.68
C GLY B 288 -2.88 -20.38 -22.87
N LYS B 289 -1.92 -20.15 -23.75
CA LYS B 289 -2.14 -19.28 -24.91
C LYS B 289 -3.05 -20.01 -25.90
N GLY B 290 -4.28 -19.52 -26.04
CA GLY B 290 -5.22 -20.10 -26.99
C GLY B 290 -5.54 -21.56 -26.77
N ARG B 291 -5.37 -22.07 -25.54
CA ARG B 291 -5.63 -23.46 -25.22
C ARG B 291 -6.67 -23.53 -24.12
N LEU B 292 -7.83 -24.10 -24.41
CA LEU B 292 -8.85 -24.32 -23.39
C LEU B 292 -8.39 -25.35 -22.38
N ALA B 293 -8.76 -25.13 -21.12
CA ALA B 293 -8.55 -26.15 -20.09
C ALA B 293 -9.49 -27.32 -20.31
N GLU B 294 -8.93 -28.53 -20.36
CA GLU B 294 -9.74 -29.70 -20.65
C GLU B 294 -10.40 -30.30 -19.42
N THR B 295 -9.80 -30.18 -18.24
CA THR B 295 -10.41 -30.67 -17.02
C THR B 295 -10.15 -29.70 -15.87
N ASN B 296 -11.02 -29.78 -14.86
CA ASN B 296 -10.74 -29.09 -13.60
C ASN B 296 -9.47 -29.61 -12.94
N ALA B 297 -9.25 -30.92 -13.00
CA ALA B 297 -8.08 -31.52 -12.34
C ALA B 297 -6.78 -30.92 -12.87
N GLN B 298 -6.76 -30.55 -14.15
CA GLN B 298 -5.58 -29.95 -14.75
C GLN B 298 -5.20 -28.66 -14.02
N GLN B 299 -6.19 -27.86 -13.62
CA GLN B 299 -5.89 -26.62 -12.91
C GLN B 299 -5.48 -26.89 -11.47
N VAL B 300 -6.04 -27.93 -10.86
CA VAL B 300 -5.59 -28.33 -9.53
C VAL B 300 -4.12 -28.75 -9.56
N ARG B 301 -3.73 -29.52 -10.59
CA ARG B 301 -2.33 -29.94 -10.70
C ARG B 301 -1.40 -28.75 -10.84
N ALA B 302 -1.81 -27.72 -11.59
CA ALA B 302 -0.97 -26.54 -11.75
C ALA B 302 -0.80 -25.83 -10.42
N ALA B 303 -1.91 -25.61 -9.70
CA ALA B 303 -1.84 -24.99 -8.37
C ALA B 303 -0.98 -25.82 -7.43
N ARG B 304 -1.13 -27.15 -7.48
CA ARG B 304 -0.34 -28.03 -6.63
C ARG B 304 1.15 -27.94 -6.95
N GLN B 305 1.49 -27.79 -8.23
CA GLN B 305 2.90 -27.63 -8.60
C GLN B 305 3.49 -26.36 -7.99
N ILE B 306 2.73 -25.27 -8.01
CA ILE B 306 3.17 -24.02 -7.38
C ILE B 306 3.33 -24.21 -5.87
N VAL B 307 2.33 -24.83 -5.23
CA VAL B 307 2.36 -25.05 -3.78
C VAL B 307 3.58 -25.88 -3.41
N GLU B 308 3.81 -26.98 -4.13
CA GLU B 308 4.93 -27.84 -3.78
C GLU B 308 6.27 -27.22 -4.18
N GLY B 309 6.29 -26.39 -5.23
CA GLY B 309 7.50 -25.66 -5.58
C GLY B 309 7.93 -24.69 -4.50
N LEU B 310 6.96 -24.12 -3.78
CA LEU B 310 7.23 -23.28 -2.61
C LEU B 310 7.73 -24.06 -1.41
N GLY B 311 7.75 -25.39 -1.48
CA GLY B 311 8.06 -26.19 -0.31
C GLY B 311 6.91 -26.37 0.64
N LEU B 312 5.70 -26.04 0.21
CA LEU B 312 4.49 -26.25 1.00
C LEU B 312 3.82 -27.55 0.55
N GLU B 313 2.71 -27.90 1.19
CA GLU B 313 1.99 -29.10 0.83
C GLU B 313 0.52 -28.79 0.67
N VAL B 314 -0.13 -29.52 -0.22
CA VAL B 314 -1.56 -29.38 -0.41
C VAL B 314 -2.28 -30.01 0.78
N ALA B 315 -3.29 -29.31 1.30
CA ALA B 315 -4.04 -29.80 2.45
C ALA B 315 -4.95 -30.95 2.06
N THR B 316 -5.12 -31.93 2.97
CA THR B 316 -6.12 -32.98 2.79
C THR B 316 -7.48 -32.48 3.25
N PRO B 317 -8.57 -33.16 2.86
CA PRO B 317 -9.89 -32.79 3.40
C PRO B 317 -9.92 -32.72 4.92
N ALA B 318 -9.29 -33.66 5.62
CA ALA B 318 -9.30 -33.63 7.08
C ALA B 318 -8.58 -32.39 7.61
N GLU B 319 -7.48 -32.00 6.95
CA GLU B 319 -6.76 -30.80 7.38
C GLU B 319 -7.58 -29.55 7.08
N ALA B 320 -8.25 -29.51 5.94
CA ALA B 320 -9.14 -28.38 5.65
C ALA B 320 -10.27 -28.29 6.68
N ARG B 321 -10.82 -29.43 7.10
CA ARG B 321 -11.88 -29.41 8.10
C ARG B 321 -11.38 -28.83 9.42
N GLU B 322 -10.14 -29.15 9.79
CA GLU B 322 -9.59 -28.59 11.04
C GLU B 322 -9.27 -27.10 10.87
N LEU B 323 -8.64 -26.73 9.76
CA LEU B 323 -8.32 -25.32 9.52
C LEU B 323 -9.57 -24.45 9.49
N LEU B 324 -10.67 -24.98 8.97
CA LEU B 324 -11.89 -24.20 8.82
C LEU B 324 -12.93 -24.48 9.89
N ALA B 325 -12.63 -25.36 10.84
CA ALA B 325 -13.53 -25.69 11.96
C ALA B 325 -14.88 -26.23 11.46
N LEU B 326 -14.82 -27.19 10.53
CA LEU B 326 -16.02 -27.73 9.91
C LEU B 326 -16.56 -28.93 10.69
N LYS B 327 -17.85 -29.22 10.49
CA LYS B 327 -18.55 -30.21 11.31
C LYS B 327 -18.27 -31.66 10.92
N GLY B 328 -17.74 -31.92 9.73
CA GLY B 328 -17.40 -33.29 9.37
C GLY B 328 -18.26 -33.81 8.22
N GLY B 329 -17.64 -34.62 7.35
CA GLY B 329 -18.32 -35.13 6.16
C GLY B 329 -19.42 -36.13 6.44
N ASP B 330 -19.50 -36.64 7.67
CA ASP B 330 -20.58 -37.53 8.08
C ASP B 330 -21.65 -36.80 8.87
N GLN B 331 -21.66 -35.47 8.83
CA GLN B 331 -22.65 -34.66 9.53
C GLN B 331 -23.48 -33.82 8.57
N VAL B 332 -23.71 -34.32 7.36
CA VAL B 332 -24.42 -33.60 6.31
C VAL B 332 -25.68 -34.40 5.95
N ASN B 333 -26.63 -33.73 5.31
CA ASN B 333 -27.88 -34.39 4.93
C ASN B 333 -27.81 -34.90 3.49
N PHE B 334 -26.76 -35.68 3.23
CA PHE B 334 -26.66 -36.44 1.97
C PHE B 334 -25.62 -37.55 2.10
N LEU C 27 -5.94 13.16 26.40
CA LEU C 27 -4.82 13.40 25.49
C LEU C 27 -5.19 13.04 24.05
N ASN C 28 -6.41 12.58 23.87
CA ASN C 28 -6.91 12.29 22.53
C ASN C 28 -7.02 13.59 21.73
N GLY C 29 -6.65 13.53 20.47
CA GLY C 29 -6.76 14.70 19.63
C GLY C 29 -5.79 15.81 19.99
N LYS C 30 -4.71 15.49 20.69
CA LYS C 30 -3.63 16.43 20.93
C LYS C 30 -2.50 16.10 19.96
N VAL C 31 -1.99 17.12 19.26
CA VAL C 31 -0.92 16.96 18.28
C VAL C 31 0.33 17.65 18.83
N ILE C 32 1.40 16.88 19.01
CA ILE C 32 2.68 17.43 19.42
C ILE C 32 3.33 18.08 18.21
N ILE C 33 3.62 19.38 18.31
CA ILE C 33 4.45 20.06 17.32
C ILE C 33 5.87 20.13 17.87
N THR C 34 6.82 19.53 17.17
CA THR C 34 8.24 19.72 17.43
C THR C 34 8.76 20.78 16.48
N CYS C 35 9.56 21.72 16.99
CA CYS C 35 10.21 22.69 16.10
C CYS C 35 11.72 22.52 16.18
N ALA C 36 12.33 22.22 15.03
CA ALA C 36 13.77 22.07 14.90
C ALA C 36 14.33 23.37 14.34
N VAL C 37 14.98 24.16 15.19
CA VAL C 37 15.17 25.57 14.86
C VAL C 37 16.36 25.87 13.96
N THR C 38 17.38 25.00 13.89
CA THR C 38 18.51 25.35 13.02
C THR C 38 19.25 24.17 12.41
N GLY C 39 19.47 23.10 13.19
CA GLY C 39 20.06 21.91 12.61
C GLY C 39 21.51 22.11 12.19
N ALA C 40 21.93 21.22 11.29
CA ALA C 40 23.30 21.23 10.78
C ALA C 40 23.38 21.04 9.26
N ILE C 41 22.25 20.88 8.57
CA ILE C 41 22.26 20.60 7.13
C ILE C 41 22.24 21.90 6.31
N HIS C 42 21.30 22.79 6.62
CA HIS C 42 21.30 24.10 5.98
C HIS C 42 22.50 24.90 6.47
N THR C 43 22.95 25.83 5.65
CA THR C 43 24.11 26.66 5.96
C THR C 43 23.71 28.12 5.92
N PRO C 44 24.48 29.01 6.57
CA PRO C 44 24.02 30.40 6.73
C PRO C 44 23.80 31.14 5.42
N SER C 45 24.59 30.86 4.38
CA SER C 45 24.42 31.58 3.12
C SER C 45 23.11 31.24 2.41
N MET C 46 22.44 30.15 2.80
CA MET C 46 21.18 29.78 2.15
C MET C 46 20.02 30.68 2.56
N SER C 47 20.08 31.27 3.74
CA SER C 47 18.98 32.08 4.26
C SER C 47 19.48 32.97 5.38
N PRO C 48 19.23 34.28 5.33
CA PRO C 48 19.61 35.15 6.46
C PRO C 48 18.76 34.92 7.71
N TYR C 49 17.72 34.09 7.62
CA TYR C 49 16.86 33.79 8.75
C TYR C 49 17.26 32.52 9.49
N LEU C 50 18.25 31.78 9.00
CA LEU C 50 18.73 30.61 9.72
C LEU C 50 19.41 31.06 11.02
N PRO C 51 18.96 30.61 12.19
CA PRO C 51 19.60 31.04 13.45
C PRO C 51 21.01 30.49 13.57
N VAL C 52 21.95 31.38 13.94
CA VAL C 52 23.36 31.00 14.07
C VAL C 52 23.87 31.24 15.48
N SER C 53 23.80 32.49 15.95
CA SER C 53 24.31 32.80 17.28
C SER C 53 23.47 32.10 18.34
N ALA C 54 24.04 31.95 19.53
CA ALA C 54 23.30 31.35 20.63
C ALA C 54 22.03 32.13 20.93
N SER C 55 22.09 33.48 20.87
CA SER C 55 20.89 34.26 21.15
C SER C 55 19.87 34.17 20.01
N GLU C 56 20.32 33.99 18.76
CA GLU C 56 19.37 33.75 17.67
C GLU C 56 18.67 32.41 17.85
N ILE C 57 19.40 31.40 18.33
CA ILE C 57 18.81 30.09 18.53
C ILE C 57 17.82 30.12 19.69
N THR C 58 18.17 30.80 20.79
CA THR C 58 17.23 30.86 21.90
C THR C 58 16.01 31.71 21.56
N ASP C 59 16.20 32.82 20.86
CA ASP C 59 15.06 33.61 20.39
C ASP C 59 14.14 32.76 19.53
N ALA C 60 14.72 32.00 18.60
CA ALA C 60 13.94 31.15 17.71
C ALA C 60 13.18 30.09 18.50
N ALA C 61 13.84 29.46 19.47
CA ALA C 61 13.20 28.42 20.27
C ALA C 61 12.07 28.99 21.12
N ILE C 62 12.31 30.13 21.78
CA ILE C 62 11.27 30.73 22.62
C ILE C 62 10.06 31.15 21.78
N GLY C 63 10.30 31.78 20.63
CA GLY C 63 9.19 32.16 19.78
C GLY C 63 8.41 30.97 19.25
N ALA C 64 9.11 29.89 18.91
CA ALA C 64 8.43 28.70 18.41
C ALA C 64 7.59 28.06 19.52
N ALA C 65 8.14 27.95 20.74
CA ALA C 65 7.36 27.39 21.84
C ALA C 65 6.13 28.25 22.13
N GLU C 66 6.28 29.58 22.11
CA GLU C 66 5.14 30.45 22.36
C GLU C 66 4.09 30.35 21.25
N ALA C 67 4.51 30.02 20.03
CA ALA C 67 3.56 29.78 18.95
C ALA C 67 2.85 28.45 19.07
N GLY C 68 3.34 27.51 19.89
CA GLY C 68 2.66 26.25 20.07
C GLY C 68 3.52 24.99 19.95
N ALA C 69 4.83 25.12 19.86
CA ALA C 69 5.67 23.92 19.79
C ALA C 69 5.93 23.41 21.20
N ALA C 70 5.47 22.19 21.51
CA ALA C 70 5.72 21.62 22.83
C ALA C 70 7.16 21.13 22.97
N VAL C 71 7.80 20.78 21.86
CA VAL C 71 9.16 20.24 21.86
C VAL C 71 10.03 21.12 20.97
N ILE C 72 11.23 21.46 21.45
CA ILE C 72 12.20 22.19 20.65
C ILE C 72 13.41 21.27 20.45
N HIS C 73 13.75 21.00 19.19
CA HIS C 73 14.92 20.18 18.85
C HIS C 73 16.09 21.10 18.50
N LEU C 74 17.23 20.89 19.16
CA LEU C 74 18.31 21.87 19.21
C LEU C 74 19.64 21.33 18.72
N HIS C 75 20.30 22.12 17.87
CA HIS C 75 21.71 22.06 17.55
C HIS C 75 22.31 23.41 17.93
N ALA C 76 23.63 23.49 17.93
CA ALA C 76 24.35 24.75 18.11
C ALA C 76 25.28 24.97 16.92
N ARG C 77 25.75 26.22 16.77
CA ARG C 77 26.66 26.57 15.70
C ARG C 77 27.76 27.49 16.22
N HIS C 78 28.90 27.46 15.54
CA HIS C 78 29.97 28.42 15.79
C HIS C 78 29.51 29.81 15.35
N GLU C 79 29.60 30.78 16.27
CA GLU C 79 29.08 32.12 15.95
C GLU C 79 29.94 32.80 14.88
N GLY C 80 31.21 32.45 14.79
CA GLY C 80 32.11 33.02 13.82
C GLY C 80 31.73 32.79 12.37
N ASP C 81 31.61 31.52 11.95
CA ASP C 81 31.31 31.20 10.56
C ASP C 81 30.02 30.42 10.36
N GLY C 82 29.27 30.14 11.43
CA GLY C 82 27.98 29.49 11.31
C GLY C 82 28.03 27.98 11.17
N SER C 83 29.21 27.35 11.26
CA SER C 83 29.32 25.91 11.03
C SER C 83 28.82 25.14 12.26
N PRO C 84 28.43 23.87 12.07
CA PRO C 84 27.92 23.09 13.21
C PRO C 84 28.92 23.00 14.35
N ASP C 85 28.41 23.14 15.58
CA ASP C 85 29.22 23.07 16.80
C ASP C 85 28.51 22.08 17.73
N GLN C 86 29.12 20.92 17.96
CA GLN C 86 28.53 19.89 18.80
C GLN C 86 29.29 19.72 20.12
N SER C 87 30.02 20.75 20.55
CA SER C 87 30.70 20.71 21.83
C SER C 87 29.70 20.88 22.97
N VAL C 88 30.05 20.34 24.14
CA VAL C 88 29.21 20.51 25.32
C VAL C 88 29.02 21.98 25.63
N GLU C 89 30.10 22.77 25.55
CA GLU C 89 30.03 24.17 25.92
C GLU C 89 29.14 24.98 24.99
N ALA C 90 28.99 24.54 23.74
CA ALA C 90 28.14 25.28 22.80
C ALA C 90 26.69 25.35 23.26
N PHE C 91 26.24 24.37 24.03
CA PHE C 91 24.85 24.34 24.47
C PHE C 91 24.61 25.08 25.77
N ASN C 92 25.64 25.41 26.54
CA ASN C 92 25.39 26.06 27.83
C ASN C 92 24.68 27.41 27.70
N PRO C 93 25.03 28.31 26.78
CA PRO C 93 24.25 29.53 26.60
C PRO C 93 22.92 29.35 25.85
N ILE C 94 22.51 28.13 25.58
CA ILE C 94 21.26 27.86 24.86
C ILE C 94 20.22 27.22 25.77
N LEU C 95 20.59 26.11 26.43
CA LEU C 95 19.58 25.28 27.10
C LEU C 95 18.96 26.01 28.30
N GLY C 96 19.80 26.51 29.20
CA GLY C 96 19.28 27.20 30.38
C GLY C 96 18.46 28.42 30.03
N VAL C 97 18.86 29.15 28.98
CA VAL C 97 18.14 30.36 28.59
C VAL C 97 16.71 30.01 28.16
N ILE C 98 16.56 28.99 27.33
CA ILE C 98 15.22 28.60 26.91
C ILE C 98 14.41 28.11 28.10
N LYS C 99 15.04 27.31 28.97
CA LYS C 99 14.32 26.75 30.11
C LYS C 99 13.82 27.85 31.06
N GLN C 100 14.55 28.96 31.17
CA GLN C 100 14.08 30.03 32.05
C GLN C 100 12.84 30.72 31.50
N ALA C 101 12.67 30.69 30.17
CA ALA C 101 11.57 31.39 29.53
C ALA C 101 10.43 30.47 29.13
N SER C 102 10.64 29.15 29.12
CA SER C 102 9.65 28.26 28.53
C SER C 102 9.73 26.88 29.20
N ASP C 103 8.56 26.26 29.40
CA ASP C 103 8.55 24.88 29.90
C ASP C 103 8.55 23.86 28.78
N ALA C 104 8.91 24.27 27.56
CA ALA C 104 8.96 23.34 26.44
C ALA C 104 9.95 22.22 26.71
N VAL C 105 9.67 21.06 26.10
CA VAL C 105 10.60 19.93 26.17
C VAL C 105 11.77 20.22 25.24
N LEU C 106 12.99 20.19 25.77
CA LEU C 106 14.17 20.40 24.95
C LEU C 106 14.74 19.07 24.49
N ASN C 107 14.89 18.92 23.18
CA ASN C 107 15.36 17.70 22.52
C ASN C 107 16.76 18.01 21.98
N ILE C 108 17.80 17.38 22.56
CA ILE C 108 19.18 17.64 22.15
C ILE C 108 19.59 16.66 21.06
N THR C 109 20.19 17.17 19.99
CA THR C 109 20.65 16.30 18.91
C THR C 109 21.79 15.39 19.37
N THR C 110 21.77 14.14 18.90
CA THR C 110 22.98 13.30 18.89
C THR C 110 23.46 13.08 17.47
N GLY C 111 22.82 13.71 16.50
CA GLY C 111 23.26 13.59 15.13
C GLY C 111 24.33 14.60 14.81
N GLY C 112 24.22 15.80 15.38
CA GLY C 112 25.14 16.86 15.03
C GLY C 112 25.19 17.08 13.54
N ALA C 113 26.40 17.27 13.02
CA ALA C 113 26.54 17.22 11.57
C ALA C 113 26.81 15.78 11.13
N PRO C 114 26.27 15.34 9.99
CA PRO C 114 26.34 13.92 9.62
C PRO C 114 27.76 13.42 9.34
N THR C 115 28.75 14.30 9.34
CA THR C 115 30.14 13.91 9.17
C THR C 115 30.82 13.59 10.49
N MET C 116 30.14 13.77 11.61
CA MET C 116 30.77 13.66 12.93
C MET C 116 30.75 12.23 13.45
N SER C 117 31.68 11.93 14.35
CA SER C 117 31.77 10.62 15.02
C SER C 117 30.77 10.52 16.17
N ILE C 118 30.52 9.28 16.60
CA ILE C 118 29.62 9.05 17.74
C ILE C 118 30.19 9.66 19.01
N ALA C 119 31.50 9.53 19.22
CA ALA C 119 32.12 10.02 20.45
C ALA C 119 31.92 11.52 20.59
N GLU C 120 32.15 12.28 19.52
CA GLU C 120 31.85 13.70 19.54
C GLU C 120 30.36 13.94 19.75
N ARG C 121 29.53 13.18 19.05
CA ARG C 121 28.12 13.52 18.93
C ARG C 121 27.36 13.30 20.23
N ILE C 122 27.76 12.29 21.02
CA ILE C 122 27.00 11.90 22.21
C ILE C 122 27.20 12.87 23.38
N GLN C 123 28.26 13.68 23.36
CA GLN C 123 28.66 14.38 24.58
C GLN C 123 27.61 15.37 25.10
N PRO C 124 26.99 16.23 24.29
CA PRO C 124 25.98 17.14 24.87
C PRO C 124 24.85 16.42 25.60
N ALA C 125 24.20 15.46 24.95
CA ALA C 125 23.10 14.77 25.62
C ALA C 125 23.59 14.02 26.86
N GLN C 126 24.80 13.47 26.80
CA GLN C 126 25.33 12.75 27.96
C GLN C 126 25.53 13.68 29.14
N HIS C 127 26.05 14.89 28.89
CA HIS C 127 26.31 15.83 29.97
C HIS C 127 25.02 16.46 30.50
N TYR C 128 24.11 16.84 29.59
CA TYR C 128 22.96 17.63 29.97
C TYR C 128 21.76 16.80 30.38
N ARG C 129 21.78 15.50 30.09
CA ARG C 129 20.74 14.56 30.50
C ARG C 129 19.34 15.10 30.18
N PRO C 130 19.04 15.40 28.92
CA PRO C 130 17.76 16.01 28.57
C PRO C 130 16.62 15.01 28.66
N GLU C 131 15.39 15.52 28.60
CA GLU C 131 14.22 14.65 28.57
C GLU C 131 14.18 13.84 27.28
N LEU C 132 14.63 14.45 26.18
CA LEU C 132 14.62 13.84 24.86
C LEU C 132 15.95 14.07 24.20
N ALA C 133 16.41 13.08 23.43
CA ALA C 133 17.55 13.23 22.55
C ALA C 133 17.23 12.50 21.26
N SER C 134 17.67 13.05 20.14
CA SER C 134 17.48 12.34 18.88
C SER C 134 18.38 11.10 18.87
N LEU C 135 17.94 10.07 18.15
CA LEU C 135 18.73 8.84 18.00
C LEU C 135 18.54 8.33 16.59
N ASN C 136 19.57 8.45 15.77
CA ASN C 136 19.48 8.09 14.36
C ASN C 136 19.71 6.60 14.20
N MET C 137 18.85 5.95 13.44
CA MET C 137 18.71 4.51 13.60
C MET C 137 19.44 3.68 12.54
N GLY C 138 20.19 4.30 11.62
CA GLY C 138 20.97 3.51 10.68
C GLY C 138 22.05 4.33 10.01
N THR C 139 23.10 3.64 9.55
CA THR C 139 24.12 4.28 8.74
C THR C 139 23.57 4.51 7.33
N MET C 140 23.83 5.70 6.78
CA MET C 140 23.26 6.04 5.50
C MET C 140 24.15 7.05 4.79
N ASN C 141 24.06 7.04 3.45
CA ASN C 141 24.56 8.17 2.68
C ASN C 141 23.78 9.43 3.03
N PHE C 142 24.45 10.57 2.92
CA PHE C 142 23.79 11.86 3.11
C PHE C 142 24.22 12.74 1.95
N GLY C 143 23.26 13.09 1.11
CA GLY C 143 23.57 13.85 -0.07
C GLY C 143 23.12 15.29 0.05
N LEU C 144 24.06 16.21 0.10
CA LEU C 144 23.70 17.63 0.25
C LEU C 144 23.98 18.34 -1.07
N PHE C 145 24.65 17.67 -2.00
CA PHE C 145 25.10 18.34 -3.24
C PHE C 145 23.93 18.79 -4.12
N PRO C 146 22.71 18.27 -3.99
CA PRO C 146 21.58 18.83 -4.74
C PRO C 146 21.56 20.33 -4.46
N MET C 147 21.63 20.72 -3.19
CA MET C 147 21.56 22.14 -2.80
C MET C 147 22.65 22.98 -3.48
N LEU C 148 23.65 22.37 -4.13
CA LEU C 148 24.73 23.14 -4.74
C LEU C 148 24.29 23.85 -6.01
N ASN C 149 23.32 23.29 -6.74
CA ASN C 149 22.85 23.98 -7.94
C ASN C 149 22.16 25.28 -7.58
N ARG C 150 21.31 25.26 -6.54
CA ARG C 150 20.58 26.46 -6.15
C ARG C 150 21.49 27.50 -5.53
N TYR C 151 22.38 27.08 -4.63
CA TYR C 151 23.03 28.00 -3.71
C TYR C 151 24.49 28.31 -4.01
N GLU C 152 25.12 27.64 -4.97
CA GLU C 152 26.56 27.79 -5.18
C GLU C 152 26.94 29.25 -5.39
N SER C 153 26.12 30.01 -6.11
CA SER C 153 26.49 31.38 -6.46
C SER C 153 26.50 32.32 -5.27
N GLN C 154 25.84 31.98 -4.16
CA GLN C 154 25.69 32.90 -3.05
C GLN C 154 26.41 32.44 -1.79
N LEU C 155 27.19 31.37 -1.85
CA LEU C 155 27.91 30.87 -0.69
C LEU C 155 29.04 31.83 -0.31
N LYS C 156 29.03 32.30 0.94
CA LYS C 156 30.05 33.25 1.39
C LYS C 156 31.20 32.58 2.13
N HIS C 157 31.11 31.29 2.44
CA HIS C 157 32.17 30.60 3.18
C HIS C 157 32.63 29.38 2.40
N GLN C 158 33.96 29.19 2.35
CA GLN C 158 34.49 28.01 1.67
C GLN C 158 33.98 26.73 2.31
N TRP C 159 33.84 26.70 3.64
CA TRP C 159 33.38 25.46 4.28
C TRP C 159 32.00 25.05 3.77
N GLU C 160 31.14 26.01 3.43
CA GLU C 160 29.84 25.65 2.87
C GLU C 160 30.00 24.96 1.52
N ARG C 161 30.91 25.45 0.68
CA ARG C 161 31.15 24.83 -0.62
C ARG C 161 31.67 23.41 -0.44
N ASN C 162 32.68 23.23 0.42
CA ASN C 162 33.25 21.90 0.63
C ASN C 162 32.24 20.95 1.25
N TYR C 163 31.43 21.44 2.18
CA TYR C 163 30.49 20.59 2.91
C TYR C 163 29.34 20.15 2.01
N LEU C 164 28.76 21.10 1.28
CA LEU C 164 27.65 20.74 0.40
C LEU C 164 28.12 19.94 -0.81
N GLY C 165 29.37 20.13 -1.24
CA GLY C 165 29.87 19.39 -2.38
C GLY C 165 30.34 17.97 -2.11
N ASN C 166 30.36 17.54 -0.86
CA ASN C 166 30.98 16.28 -0.46
C ASN C 166 30.09 15.11 -0.89
N LYS C 167 30.55 14.34 -1.88
CA LYS C 167 29.78 13.18 -2.35
C LYS C 167 30.01 11.93 -1.52
N ASP C 168 30.79 12.01 -0.45
CA ASP C 168 31.17 10.84 0.34
C ASP C 168 30.74 10.96 1.79
N ILE C 169 29.67 11.71 2.06
CA ILE C 169 29.20 11.81 3.45
C ILE C 169 28.55 10.50 3.87
N ILE C 170 29.01 9.96 4.99
CA ILE C 170 28.43 8.78 5.62
C ILE C 170 27.96 9.18 7.01
N PHE C 171 26.64 9.12 7.23
CA PHE C 171 26.04 9.38 8.54
C PHE C 171 26.10 8.07 9.31
N ARG C 172 27.09 7.94 10.21
CA ARG C 172 27.38 6.64 10.81
C ARG C 172 26.50 6.40 12.04
N ASN C 173 25.80 5.26 12.03
CA ASN C 173 24.97 4.81 13.16
C ASN C 173 24.92 3.28 13.12
N THR C 174 26.04 2.62 13.43
CA THR C 174 26.07 1.16 13.34
C THR C 174 25.21 0.53 14.44
N PHE C 175 25.01 -0.78 14.34
CA PHE C 175 24.28 -1.46 15.41
C PHE C 175 24.99 -1.28 16.74
N GLY C 176 26.32 -1.36 16.74
CA GLY C 176 27.05 -1.14 17.98
C GLY C 176 26.93 0.28 18.48
N ASP C 177 26.96 1.26 17.57
CA ASP C 177 26.85 2.67 17.98
C ASP C 177 25.51 2.91 18.67
N VAL C 178 24.43 2.45 18.05
CA VAL C 178 23.10 2.71 18.59
C VAL C 178 22.94 2.03 19.94
N GLU C 179 23.41 0.79 20.06
CA GLU C 179 23.38 0.11 21.35
C GLU C 179 24.08 0.94 22.41
N HIS C 180 25.23 1.50 22.07
CA HIS C 180 26.02 2.26 23.02
C HIS C 180 25.28 3.53 23.45
N VAL C 181 24.67 4.24 22.50
CA VAL C 181 23.93 5.46 22.84
C VAL C 181 22.72 5.13 23.71
N MET C 182 21.97 4.08 23.35
CA MET C 182 20.81 3.67 24.15
C MET C 182 21.23 3.42 25.60
N THR C 183 22.31 2.65 25.79
CA THR C 183 22.76 2.32 27.13
C THR C 183 23.26 3.55 27.87
N THR C 184 24.12 4.35 27.22
CA THR C 184 24.74 5.47 27.91
C THR C 184 23.73 6.55 28.26
N LEU C 185 22.90 6.96 27.29
CA LEU C 185 21.97 8.05 27.56
C LEU C 185 20.75 7.59 28.34
N GLY C 186 20.33 6.32 28.16
CA GLY C 186 19.21 5.81 28.93
C GLY C 186 19.47 5.82 30.43
N ALA C 187 20.73 5.64 30.83
CA ALA C 187 21.07 5.66 32.25
C ALA C 187 20.80 7.03 32.89
N GLY C 188 20.76 8.09 32.10
CA GLY C 188 20.46 9.41 32.60
C GLY C 188 18.99 9.80 32.54
N GLY C 189 18.10 8.85 32.28
CA GLY C 189 16.68 9.12 32.18
C GLY C 189 16.25 9.72 30.86
N THR C 190 17.17 9.93 29.93
CA THR C 190 16.83 10.45 28.62
C THR C 190 16.08 9.40 27.81
N ARG C 191 14.99 9.82 27.17
CA ARG C 191 14.28 9.01 26.21
C ARG C 191 14.54 9.57 24.82
N PHE C 192 14.25 8.78 23.78
CA PHE C 192 14.73 9.09 22.44
C PHE C 192 13.61 9.45 21.49
N GLU C 193 13.90 10.38 20.60
CA GLU C 193 13.18 10.53 19.34
C GLU C 193 13.93 9.69 18.32
N PHE C 194 13.36 8.56 17.94
CA PHE C 194 14.05 7.63 17.05
C PHE C 194 13.87 8.13 15.62
N GLU C 195 14.96 8.60 15.01
CA GLU C 195 14.91 9.15 13.66
C GLU C 195 15.08 8.01 12.67
N CYS C 196 14.02 7.72 11.92
CA CYS C 196 14.02 6.63 10.96
C CYS C 196 13.85 7.21 9.57
N TYR C 197 14.88 7.10 8.74
CA TYR C 197 14.89 7.70 7.42
C TYR C 197 14.45 6.74 6.32
N ASP C 198 14.15 5.48 6.66
CA ASP C 198 13.72 4.50 5.67
C ASP C 198 13.26 3.26 6.42
N THR C 199 12.65 2.32 5.68
CA THR C 199 12.08 1.12 6.31
C THR C 199 13.07 0.41 7.20
N SER C 200 14.32 0.26 6.75
CA SER C 200 15.28 -0.53 7.48
C SER C 200 15.50 0.03 8.89
N HIS C 201 15.33 1.35 9.06
CA HIS C 201 15.56 1.92 10.39
C HIS C 201 14.47 1.51 11.36
N LEU C 202 13.23 1.34 10.87
CA LEU C 202 12.18 0.79 11.72
C LEU C 202 12.50 -0.64 12.11
N TYR C 203 12.98 -1.43 11.15
CA TYR C 203 13.38 -2.80 11.44
C TYR C 203 14.56 -2.83 12.41
N ASN C 204 15.53 -1.93 12.23
CA ASN C 204 16.62 -1.82 13.20
C ASN C 204 16.09 -1.52 14.60
N LEU C 205 15.16 -0.56 14.71
CA LEU C 205 14.59 -0.23 16.02
C LEU C 205 13.89 -1.44 16.63
N LYS C 206 13.12 -2.17 15.82
CA LYS C 206 12.44 -3.37 16.29
C LYS C 206 13.42 -4.37 16.91
N HIS C 207 14.61 -4.54 16.32
CA HIS C 207 15.61 -5.42 16.91
C HIS C 207 15.98 -4.98 18.33
N PHE C 208 16.20 -3.69 18.54
CA PHE C 208 16.58 -3.21 19.87
C PHE C 208 15.40 -3.27 20.84
N TYR C 209 14.20 -2.98 20.33
CA TYR C 209 12.99 -3.08 21.15
C TYR C 209 12.76 -4.52 21.63
N ASP C 210 12.93 -5.50 20.73
CA ASP C 210 12.75 -6.91 21.10
C ASP C 210 13.78 -7.37 22.12
N ARG C 211 14.96 -6.76 22.12
CA ARG C 211 15.99 -7.08 23.10
C ARG C 211 15.80 -6.33 24.41
N GLY C 212 14.89 -5.37 24.46
CA GLY C 212 14.62 -4.64 25.69
C GLY C 212 15.54 -3.49 25.99
N LEU C 213 16.33 -3.03 25.02
CA LEU C 213 17.24 -1.90 25.26
C LEU C 213 16.52 -0.56 25.29
N VAL C 214 15.34 -0.47 24.69
CA VAL C 214 14.46 0.69 24.84
C VAL C 214 13.07 0.16 25.16
N LYS C 215 12.36 0.88 26.03
CA LYS C 215 11.00 0.54 26.42
C LYS C 215 10.03 1.56 25.83
N GLY C 216 8.79 1.12 25.63
CA GLY C 216 7.77 1.99 25.13
C GLY C 216 7.33 3.03 26.15
N PRO C 217 6.51 4.00 25.72
CA PRO C 217 6.12 4.19 24.31
C PRO C 217 7.29 4.75 23.49
N LEU C 218 7.50 4.23 22.29
CA LEU C 218 8.59 4.69 21.45
C LEU C 218 8.16 5.93 20.66
N PHE C 219 8.96 7.00 20.75
CA PHE C 219 8.71 8.20 19.96
C PHE C 219 9.43 8.04 18.62
N ILE C 220 8.69 7.64 17.59
CA ILE C 220 9.29 7.26 16.31
C ILE C 220 9.02 8.36 15.30
N GLN C 221 10.09 8.96 14.79
CA GLN C 221 9.98 10.03 13.82
C GLN C 221 10.43 9.52 12.45
N THR C 222 9.51 9.49 11.49
CA THR C 222 9.83 9.03 10.15
C THR C 222 10.18 10.24 9.29
N VAL C 223 11.36 10.21 8.67
CA VAL C 223 11.98 11.37 8.04
C VAL C 223 11.95 11.18 6.54
N PHE C 224 11.31 12.12 5.82
CA PHE C 224 11.01 11.98 4.40
C PHE C 224 11.69 13.06 3.58
N GLY C 225 12.27 12.66 2.44
CA GLY C 225 12.69 13.60 1.43
C GLY C 225 14.16 13.96 1.42
N LEU C 226 14.97 13.33 2.25
CA LEU C 226 16.41 13.59 2.24
C LEU C 226 17.11 12.69 1.23
N MET C 227 18.12 13.24 0.55
CA MET C 227 18.89 12.45 -0.40
C MET C 227 19.78 11.49 0.39
N GLY C 228 19.58 10.19 0.18
CA GLY C 228 20.11 9.15 1.04
C GLY C 228 19.05 8.46 1.88
N GLY C 229 17.87 9.05 2.00
CA GLY C 229 16.79 8.46 2.75
C GLY C 229 15.60 8.17 1.84
N ILE C 230 14.49 7.76 2.43
CA ILE C 230 13.26 7.58 1.65
C ILE C 230 12.78 8.94 1.14
N GLY C 231 12.04 8.92 0.03
CA GLY C 231 11.45 10.13 -0.52
C GLY C 231 10.21 10.57 0.25
N ALA C 232 9.54 11.57 -0.32
CA ALA C 232 8.40 12.23 0.34
C ALA C 232 7.10 12.00 -0.41
N HIS C 233 7.01 10.94 -1.20
CA HIS C 233 5.76 10.63 -1.89
C HIS C 233 4.73 10.12 -0.89
N PRO C 234 3.44 10.37 -1.12
CA PRO C 234 2.42 9.80 -0.22
C PRO C 234 2.58 8.29 0.01
N ASP C 235 3.00 7.54 -1.01
CA ASP C 235 3.20 6.11 -0.81
C ASP C 235 4.32 5.84 0.20
N ASP C 236 5.35 6.68 0.19
CA ASP C 236 6.42 6.53 1.19
C ASP C 236 5.89 6.78 2.59
N VAL C 237 5.03 7.80 2.75
CA VAL C 237 4.50 8.12 4.07
C VAL C 237 3.65 6.98 4.60
N LEU C 238 2.75 6.45 3.75
CA LEU C 238 1.90 5.35 4.21
C LEU C 238 2.72 4.09 4.46
N HIS C 239 3.77 3.86 3.67
CA HIS C 239 4.58 2.67 3.87
C HIS C 239 5.28 2.69 5.23
N MET C 240 5.88 3.83 5.59
CA MET C 240 6.52 3.93 6.90
C MET C 240 5.51 3.80 8.02
N LYS C 241 4.32 4.39 7.86
CA LYS C 241 3.30 4.29 8.90
C LYS C 241 2.82 2.85 9.06
N ARG C 242 2.55 2.17 7.95
CA ARG C 242 2.03 0.82 8.11
C ARG C 242 3.11 -0.14 8.60
N THR C 243 4.38 0.09 8.26
CA THR C 243 5.46 -0.70 8.84
C THR C 243 5.56 -0.46 10.34
N ALA C 244 5.51 0.81 10.77
CA ALA C 244 5.58 1.08 12.21
C ALA C 244 4.39 0.46 12.94
N ASP C 245 3.18 0.58 12.38
CA ASP C 245 2.01 -0.05 13.00
C ASP C 245 2.23 -1.54 13.21
N ARG C 246 2.76 -2.22 12.19
CA ARG C 246 2.94 -3.68 12.25
C ARG C 246 4.00 -4.06 13.26
N LEU C 247 5.12 -3.33 13.29
CA LEU C 247 6.23 -3.71 14.16
C LEU C 247 5.99 -3.35 15.61
N PHE C 248 5.31 -2.22 15.88
CA PHE C 248 5.19 -1.72 17.25
C PHE C 248 3.76 -1.62 17.76
N GLY C 249 2.77 -1.81 16.91
CA GLY C 249 1.38 -1.81 17.38
C GLY C 249 1.04 -0.53 18.11
N GLN C 250 0.51 -0.68 19.32
CA GLN C 250 0.08 0.45 20.12
C GLN C 250 1.21 1.10 20.91
N ASP C 251 2.41 0.52 20.91
CA ASP C 251 3.45 0.94 21.84
C ASP C 251 4.34 2.04 21.27
N TYR C 252 3.84 2.89 20.37
CA TYR C 252 4.66 3.98 19.88
C TYR C 252 3.78 5.20 19.63
N ARG C 253 4.44 6.34 19.50
CA ARG C 253 3.83 7.59 19.07
C ARG C 253 4.55 8.03 17.80
N TRP C 254 3.78 8.43 16.79
CA TRP C 254 4.31 8.68 15.46
C TRP C 254 4.50 10.18 15.24
N SER C 255 5.66 10.57 14.76
CA SER C 255 5.90 11.94 14.32
C SER C 255 6.50 11.88 12.92
N VAL C 256 6.31 12.96 12.16
CA VAL C 256 6.82 13.01 10.80
C VAL C 256 7.68 14.27 10.62
N LEU C 257 8.65 14.14 9.73
CA LEU C 257 9.50 15.25 9.27
C LEU C 257 9.47 15.21 7.74
N GLY C 258 8.81 16.19 7.12
CA GLY C 258 8.86 16.32 5.68
C GLY C 258 9.91 17.36 5.31
N ALA C 259 10.99 16.94 4.64
CA ALA C 259 12.06 17.88 4.33
C ALA C 259 11.61 18.90 3.29
N GLY C 260 12.11 20.12 3.44
CA GLY C 260 11.93 21.14 2.42
C GLY C 260 10.47 21.42 2.14
N ARG C 261 10.13 21.56 0.85
CA ARG C 261 8.79 21.97 0.44
C ARG C 261 7.72 20.94 0.78
N ASN C 262 8.10 19.74 1.20
CA ASN C 262 7.17 18.70 1.64
C ASN C 262 6.72 18.88 3.08
N GLN C 263 7.24 19.88 3.78
CA GLN C 263 7.09 19.96 5.23
C GLN C 263 5.63 19.98 5.68
N LEU C 264 4.81 20.87 5.10
CA LEU C 264 3.45 21.00 5.59
C LEU C 264 2.50 19.94 5.02
N ASN C 265 2.73 19.51 3.78
CA ASN C 265 1.95 18.39 3.23
C ASN C 265 2.06 17.16 4.11
N ILE C 266 3.29 16.81 4.51
CA ILE C 266 3.47 15.60 5.28
C ILE C 266 3.01 15.79 6.71
N ALA C 267 3.22 16.99 7.26
CA ALA C 267 2.63 17.32 8.57
C ALA C 267 1.11 17.16 8.56
N ALA C 268 0.44 17.64 7.51
CA ALA C 268 -1.02 17.53 7.44
C ALA C 268 -1.45 16.06 7.36
N MET C 269 -0.72 15.26 6.59
CA MET C 269 -1.01 13.82 6.53
C MET C 269 -0.93 13.20 7.91
N SER C 270 0.17 13.47 8.63
CA SER C 270 0.31 12.90 9.96
C SER C 270 -0.81 13.33 10.90
N ALA C 271 -1.08 14.64 10.95
CA ALA C 271 -2.11 15.13 11.87
C ALA C 271 -3.45 14.48 11.58
N ALA C 272 -3.75 14.28 10.30
CA ALA C 272 -5.01 13.66 9.89
C ALA C 272 -5.06 12.17 10.19
N MET C 273 -3.91 11.54 10.41
CA MET C 273 -3.79 10.10 10.59
C MET C 273 -3.47 9.72 12.03
N GLY C 274 -3.53 10.66 12.98
CA GLY C 274 -3.28 10.37 14.38
C GLY C 274 -1.84 10.52 14.81
N GLY C 275 -0.98 11.11 13.98
CA GLY C 275 0.41 11.31 14.32
C GLY C 275 0.71 12.76 14.70
N HIS C 276 1.99 12.99 14.98
CA HIS C 276 2.52 14.27 15.42
C HIS C 276 3.43 14.84 14.35
N VAL C 277 3.91 16.07 14.58
CA VAL C 277 4.36 16.93 13.48
C VAL C 277 5.67 17.61 13.85
N ARG C 278 6.62 17.64 12.92
CA ARG C 278 7.86 18.40 13.10
C ARG C 278 7.98 19.46 12.01
N VAL C 279 8.23 20.71 12.43
CA VAL C 279 8.55 21.80 11.52
C VAL C 279 9.88 22.43 11.97
N GLY C 280 10.26 23.51 11.30
CA GLY C 280 11.48 24.23 11.69
C GLY C 280 12.44 24.49 10.55
N LEU C 281 13.24 25.54 10.69
CA LEU C 281 14.18 25.92 9.65
C LEU C 281 15.33 24.92 9.51
N GLU C 282 15.52 24.04 10.50
CA GLU C 282 16.45 22.93 10.33
C GLU C 282 16.08 22.08 9.14
N ASP C 283 14.78 21.94 8.88
CA ASP C 283 14.23 21.02 7.90
C ASP C 283 13.77 21.69 6.62
N ASN C 284 13.33 22.94 6.67
CA ASN C 284 12.77 23.63 5.50
C ASN C 284 12.99 25.12 5.66
N LEU C 285 13.67 25.72 4.69
CA LEU C 285 13.91 27.17 4.72
C LEU C 285 12.77 27.99 4.14
N TRP C 286 11.77 27.35 3.54
CA TRP C 286 10.76 28.05 2.74
C TRP C 286 9.44 28.20 3.48
N ALA C 287 8.69 29.25 3.11
CA ALA C 287 7.32 29.42 3.55
C ALA C 287 6.32 29.24 2.42
N GLY C 288 6.76 29.49 1.19
CA GLY C 288 5.97 29.29 -0.01
C GLY C 288 6.91 29.26 -1.19
N LYS C 289 6.33 29.34 -2.38
CA LYS C 289 7.12 29.36 -3.60
C LYS C 289 7.93 30.65 -3.67
N GLY C 290 9.25 30.53 -3.75
CA GLY C 290 10.12 31.70 -3.83
C GLY C 290 10.01 32.66 -2.65
N ARG C 291 9.71 32.14 -1.47
CA ARG C 291 9.59 32.96 -0.26
C ARG C 291 10.24 32.19 0.88
N LEU C 292 11.30 32.75 1.46
CA LEU C 292 11.91 32.13 2.64
C LEU C 292 11.04 32.33 3.88
N ALA C 293 11.04 31.33 4.75
CA ALA C 293 10.44 31.50 6.07
C ALA C 293 11.31 32.41 6.92
N GLU C 294 10.69 33.40 7.57
CA GLU C 294 11.48 34.37 8.31
C GLU C 294 11.70 33.97 9.76
N THR C 295 10.81 33.16 10.33
CA THR C 295 10.98 32.66 11.70
C THR C 295 10.53 31.21 11.77
N ASN C 296 11.09 30.50 12.75
CA ASN C 296 10.58 29.19 13.12
C ASN C 296 9.13 29.26 13.57
N ALA C 297 8.78 30.30 14.35
CA ALA C 297 7.41 30.47 14.84
C ALA C 297 6.41 30.49 13.69
N GLN C 298 6.81 31.06 12.56
CA GLN C 298 5.93 31.13 11.38
C GLN C 298 5.52 29.74 10.90
N GLN C 299 6.47 28.80 10.87
CA GLN C 299 6.12 27.45 10.47
C GLN C 299 5.30 26.75 11.54
N VAL C 300 5.56 27.04 12.82
CA VAL C 300 4.72 26.49 13.88
C VAL C 300 3.28 26.98 13.72
N ARG C 301 3.10 28.27 13.40
CA ARG C 301 1.75 28.79 13.21
C ARG C 301 1.04 28.13 12.02
N ALA C 302 1.77 27.81 10.97
CA ALA C 302 1.15 27.13 9.83
C ALA C 302 0.68 25.73 10.22
N ALA C 303 1.54 24.98 10.93
CA ALA C 303 1.16 23.66 11.40
C ALA C 303 -0.02 23.74 12.38
N ARG C 304 0.02 24.72 13.28
CA ARG C 304 -1.08 24.89 14.21
C ARG C 304 -2.39 25.23 13.49
N GLN C 305 -2.30 26.00 12.40
CA GLN C 305 -3.51 26.30 11.62
C GLN C 305 -4.12 25.03 11.03
N ILE C 306 -3.28 24.11 10.56
CA ILE C 306 -3.77 22.84 10.02
C ILE C 306 -4.39 21.99 11.13
N VAL C 307 -3.66 21.85 12.24
CA VAL C 307 -4.13 21.06 13.38
C VAL C 307 -5.50 21.56 13.86
N GLU C 308 -5.64 22.88 14.04
CA GLU C 308 -6.89 23.42 14.56
C GLU C 308 -7.98 23.38 13.50
N GLY C 309 -7.60 23.48 12.22
CA GLY C 309 -8.57 23.31 11.15
C GLY C 309 -9.17 21.92 11.12
N LEU C 310 -8.39 20.90 11.48
CA LEU C 310 -8.89 19.54 11.65
C LEU C 310 -9.79 19.39 12.87
N GLY C 311 -9.91 20.41 13.71
CA GLY C 311 -10.63 20.26 14.96
C GLY C 311 -9.82 19.60 16.05
N LEU C 312 -8.50 19.50 15.87
CA LEU C 312 -7.61 18.98 16.89
C LEU C 312 -7.00 20.15 17.66
N GLU C 313 -6.18 19.83 18.66
CA GLU C 313 -5.52 20.85 19.46
C GLU C 313 -4.03 20.53 19.52
N VAL C 314 -3.25 21.60 19.61
CA VAL C 314 -1.83 21.50 19.80
C VAL C 314 -1.52 21.09 21.25
N ALA C 315 -0.60 20.14 21.42
CA ALA C 315 -0.27 19.67 22.76
C ALA C 315 0.58 20.69 23.50
N THR C 316 0.30 20.86 24.80
CA THR C 316 1.18 21.63 25.66
C THR C 316 2.42 20.81 25.98
N PRO C 317 3.47 21.44 26.51
CA PRO C 317 4.60 20.64 26.98
C PRO C 317 4.22 19.57 27.99
N ALA C 318 3.32 19.86 28.93
CA ALA C 318 2.91 18.87 29.92
C ALA C 318 2.21 17.69 29.28
N GLU C 319 1.39 17.95 28.25
CA GLU C 319 0.72 16.86 27.54
C GLU C 319 1.72 16.02 26.74
N ALA C 320 2.69 16.68 26.12
CA ALA C 320 3.74 15.94 25.41
C ALA C 320 4.54 15.05 26.37
N ARG C 321 4.82 15.54 27.57
CA ARG C 321 5.54 14.72 28.55
C ARG C 321 4.73 13.49 28.94
N GLU C 322 3.41 13.63 29.05
CA GLU C 322 2.58 12.47 29.37
C GLU C 322 2.51 11.51 28.20
N LEU C 323 2.25 12.04 26.99
CA LEU C 323 2.19 11.20 25.79
C LEU C 323 3.46 10.41 25.57
N LEU C 324 4.62 11.00 25.90
CA LEU C 324 5.90 10.40 25.58
C LEU C 324 6.59 9.79 26.80
N ALA C 325 5.94 9.84 27.97
CA ALA C 325 6.47 9.29 29.24
C ALA C 325 7.84 9.87 29.58
N LEU C 326 7.95 11.18 29.48
CA LEU C 326 9.21 11.88 29.74
C LEU C 326 9.36 12.19 31.24
N LYS C 327 10.60 12.44 31.65
CA LYS C 327 10.91 12.53 33.08
C LYS C 327 10.57 13.88 33.69
N GLY C 328 10.36 14.91 32.89
CA GLY C 328 10.00 16.21 33.44
C GLY C 328 11.09 17.25 33.19
N GLY C 329 10.67 18.50 32.98
CA GLY C 329 11.60 19.58 32.69
C GLY C 329 12.43 20.00 33.88
N ASP C 330 12.09 19.53 35.07
CA ASP C 330 12.84 19.77 36.30
C ASP C 330 13.75 18.61 36.68
N GLN C 331 13.98 17.67 35.77
CA GLN C 331 14.82 16.51 35.99
C GLN C 331 15.95 16.45 34.97
N VAL C 332 16.44 17.61 34.52
CA VAL C 332 17.49 17.68 33.53
C VAL C 332 18.69 18.39 34.14
N ASN C 333 19.83 18.29 33.47
CA ASN C 333 21.06 18.88 33.99
C ASN C 333 21.33 20.24 33.36
N PHE C 334 20.33 21.12 33.42
CA PHE C 334 20.44 22.52 33.03
C PHE C 334 19.25 23.30 33.58
N LEU D 27 9.95 -13.15 -25.74
CA LEU D 27 10.48 -12.70 -24.45
C LEU D 27 9.38 -12.55 -23.41
N ASN D 28 8.13 -12.54 -23.88
CA ASN D 28 7.00 -12.50 -22.95
C ASN D 28 6.92 -13.81 -22.18
N GLY D 29 6.64 -13.69 -20.88
CA GLY D 29 6.50 -14.87 -20.06
C GLY D 29 7.77 -15.63 -19.77
N LYS D 30 8.93 -15.01 -19.95
CA LYS D 30 10.20 -15.61 -19.58
C LYS D 30 10.65 -15.03 -18.24
N VAL D 31 11.11 -15.90 -17.34
CA VAL D 31 11.57 -15.50 -16.02
C VAL D 31 13.06 -15.81 -15.92
N ILE D 32 13.86 -14.78 -15.68
CA ILE D 32 15.29 -14.96 -15.46
C ILE D 32 15.51 -15.49 -14.05
N ILE D 33 16.16 -16.64 -13.93
CA ILE D 33 16.63 -17.14 -12.65
C ILE D 33 18.11 -16.82 -12.52
N THR D 34 18.46 -15.99 -11.53
CA THR D 34 19.85 -15.80 -11.14
C THR D 34 20.16 -16.76 -10.00
N CYS D 35 21.33 -17.41 -10.06
CA CYS D 35 21.78 -18.25 -8.94
C CYS D 35 23.08 -17.70 -8.37
N ALA D 36 23.03 -17.32 -7.10
CA ALA D 36 24.17 -16.78 -6.36
C ALA D 36 24.77 -17.93 -5.55
N VAL D 37 25.90 -18.47 -6.02
CA VAL D 37 26.30 -19.80 -5.55
C VAL D 37 27.02 -19.82 -4.20
N THR D 38 27.64 -18.72 -3.72
CA THR D 38 28.34 -18.84 -2.43
C THR D 38 28.39 -17.53 -1.64
N GLY D 39 28.62 -16.40 -2.31
CA GLY D 39 28.61 -15.14 -1.59
C GLY D 39 29.73 -14.99 -0.57
N ALA D 40 29.48 -14.09 0.38
CA ALA D 40 30.47 -13.73 1.40
C ALA D 40 29.87 -13.60 2.79
N ILE D 41 28.55 -13.76 2.94
CA ILE D 41 27.86 -13.58 4.22
C ILE D 41 27.80 -14.89 5.01
N HIS D 42 27.39 -15.98 4.39
CA HIS D 42 27.45 -17.28 5.04
C HIS D 42 28.91 -17.72 5.15
N THR D 43 29.21 -18.52 6.17
CA THR D 43 30.57 -18.98 6.42
C THR D 43 30.59 -20.51 6.39
N PRO D 44 31.76 -21.12 6.14
CA PRO D 44 31.79 -22.58 5.90
C PRO D 44 31.28 -23.42 7.04
N SER D 45 31.46 -22.99 8.31
CA SER D 45 30.98 -23.80 9.42
C SER D 45 29.46 -23.90 9.45
N MET D 46 28.76 -23.04 8.71
CA MET D 46 27.30 -23.06 8.70
C MET D 46 26.74 -24.22 7.89
N SER D 47 27.45 -24.67 6.85
CA SER D 47 26.96 -25.72 6.00
C SER D 47 28.11 -26.36 5.22
N PRO D 48 28.24 -27.69 5.28
CA PRO D 48 29.26 -28.36 4.46
C PRO D 48 28.99 -28.26 2.97
N TYR D 49 27.81 -27.81 2.57
CA TYR D 49 27.45 -27.66 1.17
C TYR D 49 27.76 -26.28 0.62
N LEU D 50 28.20 -25.34 1.44
CA LEU D 50 28.58 -24.02 0.94
C LEU D 50 29.82 -24.16 0.08
N PRO D 51 29.80 -23.76 -1.20
CA PRO D 51 31.00 -23.96 -2.04
C PRO D 51 32.14 -23.06 -1.59
N VAL D 52 33.33 -23.65 -1.42
CA VAL D 52 34.51 -22.92 -0.98
C VAL D 52 35.62 -22.94 -2.01
N SER D 53 36.03 -24.14 -2.45
CA SER D 53 37.14 -24.21 -3.40
C SER D 53 36.69 -23.74 -4.78
N ALA D 54 37.67 -23.33 -5.60
CA ALA D 54 37.35 -22.93 -6.97
C ALA D 54 36.55 -24.01 -7.70
N SER D 55 36.99 -25.27 -7.59
CA SER D 55 36.26 -26.33 -8.28
C SER D 55 34.87 -26.55 -7.68
N GLU D 56 34.72 -26.35 -6.36
CA GLU D 56 33.38 -26.42 -5.79
C GLU D 56 32.49 -25.30 -6.34
N ILE D 57 33.07 -24.11 -6.50
CA ILE D 57 32.29 -22.98 -7.00
C ILE D 57 31.93 -23.19 -8.47
N THR D 58 32.86 -23.72 -9.26
CA THR D 58 32.56 -23.92 -10.68
C THR D 58 31.57 -25.07 -10.88
N ASP D 59 31.71 -26.17 -10.13
CA ASP D 59 30.70 -27.22 -10.14
C ASP D 59 29.33 -26.67 -9.79
N ALA D 60 29.26 -25.83 -8.75
CA ALA D 60 27.97 -25.27 -8.34
C ALA D 60 27.37 -24.43 -9.45
N ALA D 61 28.20 -23.58 -10.07
CA ALA D 61 27.72 -22.70 -11.14
C ALA D 61 27.22 -23.52 -12.33
N ILE D 62 28.02 -24.48 -12.78
CA ILE D 62 27.63 -25.30 -13.93
C ILE D 62 26.35 -26.07 -13.63
N GLY D 63 26.25 -26.64 -12.42
CA GLY D 63 25.04 -27.37 -12.07
C GLY D 63 23.82 -26.47 -12.02
N ALA D 64 23.97 -25.26 -11.49
CA ALA D 64 22.87 -24.31 -11.42
C ALA D 64 22.42 -23.89 -12.83
N ALA D 65 23.38 -23.62 -13.72
CA ALA D 65 23.02 -23.21 -15.07
C ALA D 65 22.30 -24.34 -15.80
N GLU D 66 22.75 -25.58 -15.63
CA GLU D 66 22.10 -26.71 -16.29
C GLU D 66 20.70 -26.94 -15.75
N ALA D 67 20.45 -26.57 -14.49
CA ALA D 67 19.12 -26.67 -13.93
C ALA D 67 18.19 -25.57 -14.43
N GLY D 68 18.74 -24.50 -15.01
CA GLY D 68 17.91 -23.46 -15.58
C GLY D 68 18.25 -22.03 -15.19
N ALA D 69 19.37 -21.81 -14.50
CA ALA D 69 19.74 -20.45 -14.13
C ALA D 69 20.45 -19.77 -15.29
N ALA D 70 19.88 -18.66 -15.77
CA ALA D 70 20.47 -17.93 -16.89
C ALA D 70 21.67 -17.09 -16.48
N VAL D 71 21.72 -16.67 -15.22
CA VAL D 71 22.76 -15.79 -14.69
C VAL D 71 23.33 -16.47 -13.47
N ILE D 72 24.67 -16.50 -13.35
CA ILE D 72 25.34 -17.00 -12.16
C ILE D 72 26.06 -15.84 -11.51
N HIS D 73 25.74 -15.56 -10.25
CA HIS D 73 26.36 -14.48 -9.49
C HIS D 73 27.47 -15.06 -8.62
N LEU D 74 28.69 -14.51 -8.75
CA LEU D 74 29.91 -15.17 -8.32
C LEU D 74 30.69 -14.36 -7.28
N HIS D 75 31.07 -15.02 -6.19
CA HIS D 75 32.15 -14.62 -5.30
C HIS D 75 33.20 -15.73 -5.31
N ALA D 76 34.37 -15.43 -4.75
CA ALA D 76 35.42 -16.41 -4.51
C ALA D 76 35.78 -16.44 -3.03
N ARG D 77 36.50 -17.49 -2.63
CA ARG D 77 36.88 -17.68 -1.23
C ARG D 77 38.30 -18.21 -1.14
N HIS D 78 38.98 -17.90 -0.03
CA HIS D 78 40.27 -18.51 0.25
C HIS D 78 40.07 -20.01 0.49
N GLU D 79 40.88 -20.84 -0.18
CA GLU D 79 40.66 -22.27 -0.11
C GLU D 79 41.07 -22.83 1.24
N GLY D 80 42.03 -22.19 1.90
CA GLY D 80 42.47 -22.62 3.21
C GLY D 80 41.41 -22.53 4.28
N ASP D 81 40.91 -21.33 4.56
CA ASP D 81 39.98 -21.12 5.66
C ASP D 81 38.57 -20.75 5.23
N GLY D 82 38.29 -20.71 3.93
CA GLY D 82 36.96 -20.40 3.46
C GLY D 82 36.53 -18.94 3.52
N SER D 83 37.42 -18.03 3.93
CA SER D 83 37.05 -16.63 4.06
C SER D 83 36.92 -15.96 2.70
N PRO D 84 36.16 -14.86 2.61
CA PRO D 84 36.00 -14.19 1.32
C PRO D 84 37.33 -13.75 0.72
N ASP D 85 37.46 -13.96 -0.58
CA ASP D 85 38.66 -13.61 -1.33
C ASP D 85 38.21 -12.83 -2.56
N GLN D 86 38.47 -11.52 -2.57
CA GLN D 86 38.04 -10.65 -3.66
C GLN D 86 39.22 -10.24 -4.55
N SER D 87 40.32 -10.98 -4.50
CA SER D 87 41.44 -10.69 -5.39
C SER D 87 41.10 -11.06 -6.83
N VAL D 88 41.79 -10.41 -7.77
CA VAL D 88 41.64 -10.78 -9.17
C VAL D 88 42.03 -12.23 -9.38
N GLU D 89 43.11 -12.67 -8.72
CA GLU D 89 43.62 -14.02 -8.93
C GLU D 89 42.62 -15.08 -8.48
N ALA D 90 41.82 -14.79 -7.45
CA ALA D 90 40.88 -15.78 -6.92
C ALA D 90 39.84 -16.20 -7.95
N PHE D 91 39.52 -15.33 -8.91
CA PHE D 91 38.53 -15.65 -9.95
C PHE D 91 39.14 -16.32 -11.16
N ASN D 92 40.47 -16.33 -11.28
CA ASN D 92 41.09 -16.91 -12.46
C ASN D 92 40.78 -18.39 -12.65
N PRO D 93 40.81 -19.25 -11.63
CA PRO D 93 40.40 -20.64 -11.83
C PRO D 93 38.88 -20.87 -11.81
N ILE D 94 38.08 -19.81 -11.83
CA ILE D 94 36.63 -19.92 -11.79
C ILE D 94 35.99 -19.54 -13.12
N LEU D 95 36.30 -18.33 -13.62
CA LEU D 95 35.51 -17.75 -14.70
C LEU D 95 35.67 -18.52 -16.01
N GLY D 96 36.92 -18.77 -16.42
CA GLY D 96 37.15 -19.47 -17.67
C GLY D 96 36.62 -20.90 -17.65
N VAL D 97 36.67 -21.55 -16.49
CA VAL D 97 36.17 -22.92 -16.38
C VAL D 97 34.66 -22.96 -16.59
N ILE D 98 33.92 -22.05 -15.96
CA ILE D 98 32.47 -22.03 -16.17
C ILE D 98 32.15 -21.73 -17.62
N LYS D 99 32.82 -20.72 -18.19
CA LYS D 99 32.56 -20.29 -19.55
C LYS D 99 32.80 -21.42 -20.55
N GLN D 100 33.80 -22.26 -20.29
CA GLN D 100 34.04 -23.39 -21.18
C GLN D 100 32.90 -24.40 -21.15
N ALA D 101 32.20 -24.52 -20.03
CA ALA D 101 31.17 -25.53 -19.85
C ALA D 101 29.75 -25.00 -20.04
N SER D 102 29.55 -23.68 -19.98
CA SER D 102 28.21 -23.13 -19.93
C SER D 102 28.18 -21.77 -20.59
N ASP D 103 27.06 -21.46 -21.26
CA ASP D 103 26.88 -20.12 -21.82
C ASP D 103 26.15 -19.17 -20.87
N ALA D 104 26.03 -19.52 -19.59
CA ALA D 104 25.37 -18.64 -18.62
C ALA D 104 26.06 -17.27 -18.56
N VAL D 105 25.27 -16.24 -18.25
CA VAL D 105 25.80 -14.91 -17.95
C VAL D 105 26.51 -14.97 -16.61
N LEU D 106 27.80 -14.62 -16.58
CA LEU D 106 28.54 -14.61 -15.33
C LEU D 106 28.53 -13.20 -14.73
N ASN D 107 27.92 -13.08 -13.55
CA ASN D 107 27.73 -11.81 -12.83
C ASN D 107 28.79 -11.76 -11.72
N ILE D 108 29.79 -10.88 -11.86
CA ILE D 108 30.88 -10.79 -10.89
C ILE D 108 30.52 -9.77 -9.80
N THR D 109 30.69 -10.16 -8.54
CA THR D 109 30.36 -9.25 -7.45
C THR D 109 31.32 -8.06 -7.40
N THR D 110 30.78 -6.87 -7.09
CA THR D 110 31.57 -5.74 -6.61
C THR D 110 31.26 -5.46 -5.14
N GLY D 111 30.49 -6.33 -4.50
CA GLY D 111 30.21 -6.19 -3.08
C GLY D 111 31.27 -6.87 -2.26
N GLY D 112 31.81 -7.99 -2.74
CA GLY D 112 32.76 -8.75 -1.94
C GLY D 112 32.18 -9.07 -0.57
N ALA D 113 33.01 -8.93 0.47
CA ALA D 113 32.50 -8.94 1.84
C ALA D 113 32.14 -7.50 2.26
N PRO D 114 31.07 -7.32 3.03
CA PRO D 114 30.60 -5.95 3.33
C PRO D 114 31.60 -5.12 4.14
N THR D 115 32.66 -5.71 4.65
CA THR D 115 33.71 -4.98 5.36
C THR D 115 34.77 -4.40 4.44
N MET D 116 34.70 -4.70 3.13
CA MET D 116 35.78 -4.35 2.21
C MET D 116 35.58 -2.97 1.60
N SER D 117 36.70 -2.36 1.22
CA SER D 117 36.73 -1.07 0.55
C SER D 117 36.34 -1.21 -0.92
N ILE D 118 35.91 -0.08 -1.49
CA ILE D 118 35.61 -0.03 -2.93
C ILE D 118 36.85 -0.40 -3.74
N ALA D 119 38.01 0.12 -3.35
CA ALA D 119 39.24 -0.13 -4.10
C ALA D 119 39.57 -1.62 -4.17
N GLU D 120 39.28 -2.37 -3.11
CA GLU D 120 39.47 -3.83 -3.18
C GLU D 120 38.36 -4.48 -4.01
N ARG D 121 37.12 -4.06 -3.77
CA ARG D 121 35.96 -4.74 -4.33
C ARG D 121 35.88 -4.60 -5.85
N ILE D 122 36.39 -3.48 -6.39
CA ILE D 122 36.20 -3.19 -7.80
C ILE D 122 37.12 -4.00 -8.71
N GLN D 123 38.22 -4.56 -8.19
CA GLN D 123 39.28 -5.07 -9.07
C GLN D 123 38.86 -6.25 -9.96
N PRO D 124 38.17 -7.29 -9.45
CA PRO D 124 37.79 -8.38 -10.37
C PRO D 124 36.97 -7.92 -11.57
N ALA D 125 35.91 -7.14 -11.34
CA ALA D 125 35.10 -6.70 -12.48
C ALA D 125 35.89 -5.74 -13.38
N GLN D 126 36.77 -4.92 -12.79
CA GLN D 126 37.58 -4.00 -13.60
C GLN D 126 38.52 -4.78 -14.52
N HIS D 127 39.09 -5.88 -14.03
CA HIS D 127 40.04 -6.64 -14.84
C HIS D 127 39.33 -7.53 -15.86
N TYR D 128 38.30 -8.26 -15.43
CA TYR D 128 37.69 -9.28 -16.26
C TYR D 128 36.65 -8.77 -17.23
N ARG D 129 36.19 -7.52 -17.07
CA ARG D 129 35.20 -6.91 -17.95
C ARG D 129 34.01 -7.84 -18.21
N PRO D 130 33.31 -8.27 -17.16
CA PRO D 130 32.17 -9.18 -17.36
C PRO D 130 30.99 -8.46 -17.99
N GLU D 131 30.03 -9.26 -18.47
CA GLU D 131 28.77 -8.72 -18.99
C GLU D 131 27.97 -8.02 -17.88
N LEU D 132 28.03 -8.58 -16.66
CA LEU D 132 27.23 -8.13 -15.54
C LEU D 132 28.11 -8.08 -14.31
N ALA D 133 27.89 -7.06 -13.49
CA ALA D 133 28.50 -6.96 -12.17
C ALA D 133 27.46 -6.42 -11.21
N SER D 134 27.52 -6.89 -9.97
CA SER D 134 26.63 -6.30 -8.96
C SER D 134 27.06 -4.86 -8.67
N LEU D 135 26.10 -4.03 -8.29
CA LEU D 135 26.40 -2.64 -7.89
C LEU D 135 25.48 -2.27 -6.73
N ASN D 136 26.05 -2.10 -5.55
CA ASN D 136 25.28 -1.85 -4.35
C ASN D 136 25.02 -0.36 -4.20
N MET D 137 23.77 -0.01 -3.89
CA MET D 137 23.31 1.34 -4.18
C MET D 137 23.30 2.26 -2.98
N GLY D 138 23.71 1.82 -1.80
CA GLY D 138 23.79 2.76 -0.69
C GLY D 138 24.59 2.19 0.47
N THR D 139 25.15 3.10 1.26
CA THR D 139 25.84 2.71 2.48
C THR D 139 24.83 2.25 3.52
N MET D 140 25.13 1.17 4.22
CA MET D 140 24.16 0.60 5.14
C MET D 140 24.88 -0.20 6.20
N ASN D 141 24.27 -0.29 7.38
CA ASN D 141 24.66 -1.30 8.35
C ASN D 141 24.46 -2.69 7.76
N PHE D 142 25.29 -3.62 8.19
CA PHE D 142 25.11 -5.02 7.83
C PHE D 142 25.22 -5.82 9.12
N GLY D 143 24.11 -6.42 9.55
CA GLY D 143 24.10 -7.16 10.79
C GLY D 143 24.17 -8.65 10.58
N LEU D 144 25.26 -9.27 11.00
CA LEU D 144 25.39 -10.75 10.85
C LEU D 144 25.29 -11.42 12.23
N PHE D 145 25.32 -10.64 13.30
CA PHE D 145 25.36 -11.22 14.67
C PHE D 145 24.13 -12.07 14.99
N PRO D 146 22.99 -11.93 14.31
CA PRO D 146 21.88 -12.85 14.51
C PRO D 146 22.36 -14.28 14.23
N MET D 147 23.03 -14.48 13.10
CA MET D 147 23.54 -15.82 12.73
C MET D 147 24.41 -16.40 13.85
N LEU D 148 24.94 -15.57 14.76
CA LEU D 148 25.69 -16.09 15.91
C LEU D 148 24.81 -16.90 16.85
N ASN D 149 23.51 -16.64 16.87
CA ASN D 149 22.62 -17.40 17.75
C ASN D 149 22.62 -18.88 17.37
N ARG D 150 22.34 -19.17 16.10
CA ARG D 150 22.21 -20.56 15.67
C ARG D 150 23.56 -21.24 15.52
N TYR D 151 24.61 -20.50 15.16
CA TYR D 151 25.83 -21.12 14.67
C TYR D 151 27.03 -21.00 15.60
N GLU D 152 26.97 -20.17 16.64
CA GLU D 152 28.16 -19.89 17.45
C GLU D 152 28.83 -21.18 17.94
N SER D 153 28.03 -22.18 18.32
CA SER D 153 28.59 -23.39 18.90
C SER D 153 29.35 -24.24 17.89
N GLN D 154 29.10 -24.08 16.59
CA GLN D 154 29.72 -24.95 15.60
C GLN D 154 30.76 -24.24 14.73
N LEU D 155 31.11 -22.99 15.04
CA LEU D 155 32.09 -22.26 14.25
C LEU D 155 33.48 -22.88 14.45
N LYS D 156 34.12 -23.28 13.35
CA LYS D 156 35.46 -23.86 13.39
C LYS D 156 36.60 -22.85 13.35
N HIS D 157 36.36 -21.65 12.82
CA HIS D 157 37.41 -20.68 12.59
C HIS D 157 37.17 -19.41 13.41
N GLN D 158 38.27 -18.87 13.95
CA GLN D 158 38.18 -17.62 14.70
C GLN D 158 37.69 -16.48 13.82
N TRP D 159 38.09 -16.45 12.54
CA TRP D 159 37.61 -15.37 11.68
C TRP D 159 36.09 -15.36 11.58
N GLU D 160 35.45 -16.53 11.64
CA GLU D 160 33.99 -16.58 11.58
C GLU D 160 33.36 -15.95 12.82
N ARG D 161 33.95 -16.18 14.00
CA ARG D 161 33.45 -15.55 15.21
C ARG D 161 33.59 -14.03 15.13
N ASN D 162 34.78 -13.56 14.74
CA ASN D 162 35.04 -12.12 14.68
C ASN D 162 34.16 -11.44 13.65
N TYR D 163 33.96 -12.09 12.51
CA TYR D 163 33.17 -11.55 11.40
C TYR D 163 31.70 -11.45 11.78
N LEU D 164 31.11 -12.59 12.16
CA LEU D 164 29.70 -12.63 12.50
C LEU D 164 29.37 -11.76 13.72
N GLY D 165 30.29 -11.67 14.67
CA GLY D 165 30.02 -10.89 15.86
C GLY D 165 30.26 -9.40 15.76
N ASN D 166 30.67 -8.92 14.58
CA ASN D 166 31.02 -7.52 14.40
C ASN D 166 29.75 -6.68 14.33
N LYS D 167 29.50 -5.88 15.38
CA LYS D 167 28.30 -5.03 15.41
C LYS D 167 28.51 -3.69 14.71
N ASP D 168 29.67 -3.46 14.09
CA ASP D 168 29.98 -2.17 13.47
C ASP D 168 30.30 -2.31 12.00
N ILE D 169 29.68 -3.27 11.31
CA ILE D 169 29.91 -3.42 9.88
C ILE D 169 29.21 -2.29 9.15
N ILE D 170 29.97 -1.53 8.36
CA ILE D 170 29.42 -0.53 7.45
C ILE D 170 29.72 -0.99 6.03
N PHE D 171 28.66 -1.30 5.29
CA PHE D 171 28.75 -1.69 3.89
C PHE D 171 28.76 -0.40 3.08
N ARG D 172 29.94 0.02 2.65
CA ARG D 172 30.13 1.37 2.15
C ARG D 172 29.86 1.46 0.66
N ASN D 173 28.99 2.40 0.27
CA ASN D 173 28.62 2.69 -1.11
C ASN D 173 28.14 4.14 -1.17
N THR D 174 29.06 5.10 -0.98
CA THR D 174 28.66 6.50 -1.02
C THR D 174 28.26 6.91 -2.44
N PHE D 175 27.70 8.12 -2.56
CA PHE D 175 27.37 8.61 -3.88
C PHE D 175 28.61 8.71 -4.75
N GLY D 176 29.72 9.20 -4.19
CA GLY D 176 30.96 9.23 -4.94
C GLY D 176 31.49 7.85 -5.28
N ASP D 177 31.40 6.90 -4.34
CA ASP D 177 31.78 5.52 -4.62
C ASP D 177 31.03 4.98 -5.82
N VAL D 178 29.70 5.10 -5.79
CA VAL D 178 28.87 4.51 -6.84
C VAL D 178 29.16 5.16 -8.19
N GLU D 179 29.27 6.49 -8.22
CA GLU D 179 29.66 7.16 -9.46
C GLU D 179 30.97 6.61 -9.99
N HIS D 180 31.95 6.37 -9.11
CA HIS D 180 33.23 5.83 -9.55
C HIS D 180 33.06 4.45 -10.19
N VAL D 181 32.32 3.55 -9.53
CA VAL D 181 32.18 2.20 -10.09
C VAL D 181 31.44 2.26 -11.42
N MET D 182 30.39 3.07 -11.52
CA MET D 182 29.61 3.17 -12.76
C MET D 182 30.50 3.58 -13.92
N THR D 183 31.29 4.64 -13.74
CA THR D 183 32.16 5.14 -14.81
C THR D 183 33.25 4.13 -15.14
N THR D 184 33.89 3.57 -14.12
CA THR D 184 35.05 2.70 -14.35
C THR D 184 34.65 1.40 -15.01
N LEU D 185 33.60 0.72 -14.51
CA LEU D 185 33.20 -0.56 -15.09
C LEU D 185 32.39 -0.39 -16.36
N GLY D 186 31.60 0.68 -16.48
CA GLY D 186 30.86 0.90 -17.72
C GLY D 186 31.75 1.03 -18.92
N ALA D 187 32.99 1.48 -18.72
CA ALA D 187 33.92 1.63 -19.82
C ALA D 187 34.39 0.30 -20.38
N GLY D 188 34.26 -0.79 -19.62
CA GLY D 188 34.55 -2.12 -20.12
C GLY D 188 33.33 -2.82 -20.72
N GLY D 189 32.23 -2.11 -20.92
CA GLY D 189 31.02 -2.71 -21.44
C GLY D 189 30.20 -3.45 -20.40
N THR D 190 30.60 -3.40 -19.13
CA THR D 190 29.86 -4.07 -18.07
C THR D 190 28.59 -3.31 -17.76
N ARG D 191 27.49 -4.04 -17.62
CA ARG D 191 26.24 -3.50 -17.10
C ARG D 191 26.00 -4.06 -15.70
N PHE D 192 25.05 -3.44 -14.98
CA PHE D 192 24.94 -3.69 -13.55
C PHE D 192 23.65 -4.38 -13.17
N GLU D 193 23.76 -5.21 -12.15
CA GLU D 193 22.62 -5.61 -11.33
C GLU D 193 22.61 -4.67 -10.14
N PHE D 194 21.67 -3.73 -10.13
CA PHE D 194 21.63 -2.71 -9.08
C PHE D 194 20.98 -3.31 -7.83
N GLU D 195 21.77 -3.53 -6.78
CA GLU D 195 21.28 -4.16 -5.57
C GLU D 195 20.69 -3.07 -4.67
N CYS D 196 19.37 -3.11 -4.48
CA CYS D 196 18.64 -2.10 -3.74
C CYS D 196 18.02 -2.77 -2.52
N TYR D 197 18.53 -2.42 -1.33
CA TYR D 197 18.14 -3.06 -0.09
C TYR D 197 17.05 -2.30 0.65
N ASP D 198 16.63 -1.14 0.16
CA ASP D 198 15.58 -0.36 0.79
C ASP D 198 15.17 0.72 -0.20
N THR D 199 14.13 1.47 0.16
CA THR D 199 13.59 2.49 -0.74
C THR D 199 14.65 3.49 -1.16
N SER D 200 15.47 3.96 -0.21
CA SER D 200 16.43 5.01 -0.51
C SER D 200 17.37 4.60 -1.64
N HIS D 201 17.64 3.29 -1.76
CA HIS D 201 18.53 2.82 -2.82
C HIS D 201 17.92 2.99 -4.19
N LEU D 202 16.59 2.83 -4.32
CA LEU D 202 15.93 3.12 -5.58
C LEU D 202 16.00 4.61 -5.89
N TYR D 203 15.77 5.45 -4.87
CA TYR D 203 15.91 6.89 -5.08
C TYR D 203 17.35 7.26 -5.43
N ASN D 204 18.33 6.62 -4.78
CA ASN D 204 19.73 6.84 -5.16
C ASN D 204 19.95 6.49 -6.62
N LEU D 205 19.42 5.35 -7.06
CA LEU D 205 19.58 4.95 -8.45
C LEU D 205 18.93 5.95 -9.39
N LYS D 206 17.74 6.45 -9.03
CA LYS D 206 17.06 7.45 -9.85
C LYS D 206 17.94 8.69 -10.05
N HIS D 207 18.68 9.08 -9.01
CA HIS D 207 19.57 10.23 -9.14
C HIS D 207 20.59 10.01 -10.26
N PHE D 208 21.20 8.83 -10.31
CA PHE D 208 22.22 8.55 -11.33
C PHE D 208 21.62 8.34 -12.70
N TYR D 209 20.44 7.72 -12.74
CA TYR D 209 19.72 7.53 -14.00
C TYR D 209 19.38 8.87 -14.64
N ASP D 210 18.83 9.79 -13.84
CA ASP D 210 18.50 11.13 -14.33
C ASP D 210 19.74 11.89 -14.83
N ARG D 211 20.91 11.61 -14.26
CA ARG D 211 22.14 12.24 -14.73
C ARG D 211 22.76 11.52 -15.91
N GLY D 212 22.19 10.39 -16.35
CA GLY D 212 22.71 9.68 -17.51
C GLY D 212 23.92 8.82 -17.27
N LEU D 213 24.26 8.53 -16.02
CA LEU D 213 25.47 7.74 -15.74
C LEU D 213 25.26 6.25 -15.94
N VAL D 214 24.00 5.81 -15.99
CA VAL D 214 23.66 4.45 -16.43
C VAL D 214 22.45 4.57 -17.36
N LYS D 215 22.41 3.69 -18.36
CA LYS D 215 21.36 3.69 -19.36
C LYS D 215 20.47 2.48 -19.16
N GLY D 216 19.19 2.62 -19.51
CA GLY D 216 18.25 1.53 -19.42
C GLY D 216 18.50 0.48 -20.48
N PRO D 217 17.87 -0.69 -20.36
CA PRO D 217 17.01 -1.12 -19.25
C PRO D 217 17.83 -1.41 -18.00
N LEU D 218 17.36 -0.91 -16.86
CA LEU D 218 18.06 -1.10 -15.59
C LEU D 218 17.65 -2.44 -14.97
N PHE D 219 18.64 -3.26 -14.64
CA PHE D 219 18.39 -4.53 -13.96
C PHE D 219 18.39 -4.24 -12.46
N ILE D 220 17.21 -4.15 -11.86
CA ILE D 220 17.04 -3.70 -10.48
C ILE D 220 16.68 -4.91 -9.61
N GLN D 221 17.59 -5.26 -8.69
CA GLN D 221 17.42 -6.38 -7.77
C GLN D 221 17.05 -5.80 -6.40
N THR D 222 15.81 -6.04 -5.96
CA THR D 222 15.35 -5.59 -4.66
C THR D 222 15.55 -6.71 -3.65
N VAL D 223 16.30 -6.41 -2.59
CA VAL D 223 16.80 -7.41 -1.64
C VAL D 223 16.03 -7.29 -0.33
N PHE D 224 15.44 -8.41 0.11
CA PHE D 224 14.53 -8.42 1.27
C PHE D 224 15.06 -9.32 2.36
N GLY D 225 14.99 -8.85 3.61
CA GLY D 225 15.14 -9.70 4.76
C GLY D 225 16.51 -9.66 5.41
N LEU D 226 17.41 -8.80 4.98
CA LEU D 226 18.73 -8.70 5.60
C LEU D 226 18.69 -7.71 6.75
N MET D 227 19.45 -7.99 7.81
CA MET D 227 19.52 -7.08 8.95
C MET D 227 20.35 -5.87 8.55
N GLY D 228 19.72 -4.70 8.56
CA GLY D 228 20.28 -3.50 7.99
C GLY D 228 19.58 -3.05 6.72
N GLY D 229 18.74 -3.91 6.14
CA GLY D 229 17.95 -3.56 4.99
C GLY D 229 16.46 -3.67 5.27
N ILE D 230 15.64 -3.55 4.22
CA ILE D 230 14.21 -3.74 4.37
C ILE D 230 13.91 -5.20 4.71
N GLY D 231 12.77 -5.43 5.36
CA GLY D 231 12.35 -6.78 5.69
C GLY D 231 11.74 -7.48 4.49
N ALA D 232 11.11 -8.63 4.77
CA ALA D 232 10.59 -9.51 3.73
C ALA D 232 9.08 -9.68 3.83
N HIS D 233 8.39 -8.74 4.45
CA HIS D 233 6.94 -8.77 4.47
C HIS D 233 6.38 -8.51 3.07
N PRO D 234 5.22 -9.09 2.74
CA PRO D 234 4.62 -8.80 1.43
C PRO D 234 4.44 -7.31 1.16
N ASP D 235 4.12 -6.51 2.17
CA ASP D 235 4.04 -5.07 2.01
C ASP D 235 5.40 -4.49 1.60
N ASP D 236 6.49 -5.06 2.12
CA ASP D 236 7.82 -4.57 1.75
C ASP D 236 8.09 -4.84 0.28
N VAL D 237 7.68 -6.01 -0.21
CA VAL D 237 7.88 -6.36 -1.61
C VAL D 237 7.10 -5.41 -2.50
N LEU D 238 5.82 -5.19 -2.17
CA LEU D 238 5.00 -4.31 -3.02
C LEU D 238 5.50 -2.88 -2.97
N HIS D 239 5.96 -2.43 -1.81
CA HIS D 239 6.49 -1.06 -1.72
C HIS D 239 7.68 -0.88 -2.65
N MET D 240 8.62 -1.82 -2.65
CA MET D 240 9.78 -1.68 -3.54
C MET D 240 9.35 -1.73 -5.01
N LYS D 241 8.45 -2.66 -5.35
CA LYS D 241 7.97 -2.75 -6.73
C LYS D 241 7.27 -1.46 -7.15
N ARG D 242 6.38 -0.94 -6.31
CA ARG D 242 5.63 0.27 -6.67
C ARG D 242 6.57 1.46 -6.81
N THR D 243 7.59 1.54 -5.95
CA THR D 243 8.56 2.62 -6.06
C THR D 243 9.34 2.51 -7.35
N ALA D 244 9.82 1.31 -7.69
CA ALA D 244 10.56 1.16 -8.94
C ALA D 244 9.68 1.49 -10.14
N ASP D 245 8.42 1.04 -10.12
CA ASP D 245 7.49 1.37 -11.21
C ASP D 245 7.36 2.87 -11.40
N ARG D 246 7.20 3.61 -10.30
CA ARG D 246 7.00 5.06 -10.40
C ARG D 246 8.26 5.76 -10.84
N LEU D 247 9.42 5.33 -10.35
CA LEU D 247 10.67 6.02 -10.67
C LEU D 247 11.18 5.70 -12.06
N PHE D 248 10.98 4.48 -12.55
CA PHE D 248 11.64 4.03 -13.76
C PHE D 248 10.70 3.59 -14.86
N GLY D 249 9.40 3.47 -14.58
CA GLY D 249 8.44 3.14 -15.64
C GLY D 249 8.76 1.82 -16.29
N GLN D 250 8.79 1.83 -17.61
CA GLN D 250 9.05 0.65 -18.41
C GLN D 250 10.52 0.37 -18.61
N ASP D 251 11.41 1.25 -18.15
CA ASP D 251 12.82 1.18 -18.48
C ASP D 251 13.62 0.36 -17.48
N TYR D 252 13.01 -0.66 -16.87
CA TYR D 252 13.76 -1.50 -15.96
C TYR D 252 13.21 -2.92 -16.00
N ARG D 253 14.01 -3.85 -15.49
CA ARG D 253 13.64 -5.25 -15.31
C ARG D 253 13.83 -5.55 -13.84
N TRP D 254 12.81 -6.15 -13.22
CA TRP D 254 12.74 -6.32 -11.78
C TRP D 254 13.18 -7.73 -11.40
N SER D 255 14.09 -7.83 -10.45
CA SER D 255 14.42 -9.12 -9.84
C SER D 255 14.31 -8.98 -8.33
N VAL D 256 14.04 -10.10 -7.66
CA VAL D 256 13.94 -10.13 -6.20
C VAL D 256 14.94 -11.13 -5.62
N LEU D 257 15.35 -10.82 -4.39
CA LEU D 257 16.17 -11.71 -3.58
C LEU D 257 15.48 -11.76 -2.22
N GLY D 258 14.90 -12.90 -1.86
CA GLY D 258 14.39 -13.11 -0.52
C GLY D 258 15.41 -13.86 0.32
N ALA D 259 15.92 -13.21 1.36
CA ALA D 259 16.95 -13.84 2.18
C ALA D 259 16.39 -15.02 2.96
N GLY D 260 17.20 -16.07 3.11
CA GLY D 260 16.87 -17.15 4.03
C GLY D 260 15.58 -17.85 3.67
N ARG D 261 14.75 -18.09 4.70
CA ARG D 261 13.47 -18.79 4.56
C ARG D 261 12.47 -18.07 3.68
N ASN D 262 12.74 -16.82 3.31
CA ASN D 262 11.85 -16.05 2.44
C ASN D 262 12.12 -16.29 0.95
N GLN D 263 13.16 -17.07 0.63
CA GLN D 263 13.67 -17.15 -0.73
C GLN D 263 12.59 -17.52 -1.76
N LEU D 264 11.85 -18.60 -1.51
CA LEU D 264 10.89 -19.04 -2.53
C LEU D 264 9.58 -18.27 -2.48
N ASN D 265 9.12 -17.87 -1.29
CA ASN D 265 7.92 -17.05 -1.20
C ASN D 265 8.08 -15.78 -2.03
N ILE D 266 9.19 -15.08 -1.85
CA ILE D 266 9.36 -13.82 -2.54
C ILE D 266 9.61 -14.06 -4.03
N ALA D 267 10.36 -15.11 -4.37
CA ALA D 267 10.49 -15.50 -5.78
C ALA D 267 9.14 -15.71 -6.44
N ALA D 268 8.22 -16.41 -5.74
CA ALA D 268 6.90 -16.67 -6.33
C ALA D 268 6.12 -15.38 -6.53
N MET D 269 6.18 -14.46 -5.56
CA MET D 269 5.53 -13.16 -5.72
C MET D 269 6.04 -12.47 -6.97
N SER D 270 7.37 -12.43 -7.14
CA SER D 270 7.94 -11.75 -8.30
C SER D 270 7.47 -12.40 -9.60
N ALA D 271 7.60 -13.72 -9.70
CA ALA D 271 7.22 -14.42 -10.92
C ALA D 271 5.75 -14.15 -11.27
N ALA D 272 4.87 -14.12 -10.27
CA ALA D 272 3.45 -13.87 -10.50
C ALA D 272 3.16 -12.42 -10.86
N MET D 273 4.13 -11.51 -10.66
CA MET D 273 3.94 -10.09 -10.89
C MET D 273 4.74 -9.58 -12.08
N GLY D 274 5.34 -10.47 -12.87
CA GLY D 274 6.12 -10.05 -14.02
C GLY D 274 7.57 -9.74 -13.72
N GLY D 275 8.08 -10.14 -12.57
CA GLY D 275 9.48 -9.97 -12.23
C GLY D 275 10.29 -11.24 -12.42
N HIS D 276 11.57 -11.12 -12.05
CA HIS D 276 12.56 -12.17 -12.15
C HIS D 276 13.02 -12.56 -10.75
N VAL D 277 13.85 -13.61 -10.66
CA VAL D 277 14.04 -14.36 -9.42
C VAL D 277 15.51 -14.65 -9.18
N ARG D 278 15.95 -14.50 -7.93
CA ARG D 278 17.30 -14.92 -7.53
C ARG D 278 17.22 -15.98 -6.44
N VAL D 279 17.94 -17.08 -6.64
CA VAL D 279 18.11 -18.11 -5.61
C VAL D 279 19.61 -18.31 -5.37
N GLY D 280 19.96 -19.28 -4.54
CA GLY D 280 21.36 -19.62 -4.34
C GLY D 280 21.76 -19.72 -2.88
N LEU D 281 22.79 -20.53 -2.62
CA LEU D 281 23.30 -20.73 -1.27
C LEU D 281 23.97 -19.48 -0.71
N GLU D 282 24.33 -18.52 -1.57
CA GLU D 282 24.76 -17.22 -1.04
C GLU D 282 23.67 -16.60 -0.18
N ASP D 283 22.41 -16.82 -0.53
CA ASP D 283 21.28 -16.15 0.09
C ASP D 283 20.51 -17.02 1.09
N ASN D 284 20.49 -18.33 0.89
CA ASN D 284 19.69 -19.21 1.75
C ASN D 284 20.37 -20.57 1.81
N LEU D 285 20.71 -21.02 3.02
CA LEU D 285 21.37 -22.31 3.19
C LEU D 285 20.40 -23.47 3.30
N TRP D 286 19.09 -23.19 3.36
CA TRP D 286 18.11 -24.17 3.79
C TRP D 286 17.25 -24.62 2.62
N ALA D 287 16.81 -25.87 2.69
CA ALA D 287 15.86 -26.42 1.73
C ALA D 287 14.45 -26.50 2.29
N GLY D 288 14.34 -26.70 3.59
CA GLY D 288 13.09 -26.68 4.32
C GLY D 288 13.45 -26.63 5.78
N LYS D 289 12.43 -26.69 6.63
CA LYS D 289 12.67 -26.62 8.07
C LYS D 289 13.57 -27.77 8.49
N GLY D 290 14.72 -27.44 9.08
CA GLY D 290 15.64 -28.46 9.54
C GLY D 290 16.25 -29.31 8.43
N ARG D 291 16.57 -28.70 7.29
CA ARG D 291 17.29 -29.40 6.24
C ARG D 291 18.08 -28.40 5.41
N LEU D 292 19.39 -28.60 5.34
CA LEU D 292 20.23 -27.76 4.50
C LEU D 292 20.04 -28.12 3.03
N ALA D 293 20.13 -27.10 2.18
CA ALA D 293 20.17 -27.32 0.74
C ALA D 293 21.51 -27.90 0.35
N GLU D 294 21.49 -28.99 -0.43
CA GLU D 294 22.74 -29.66 -0.77
C GLU D 294 23.40 -29.06 -2.00
N THR D 295 22.63 -28.50 -2.92
CA THR D 295 23.20 -27.88 -4.11
C THR D 295 22.46 -26.60 -4.43
N ASN D 296 23.16 -25.70 -5.12
CA ASN D 296 22.53 -24.56 -5.76
C ASN D 296 21.47 -25.01 -6.76
N ALA D 297 21.78 -26.04 -7.56
CA ALA D 297 20.84 -26.51 -8.58
C ALA D 297 19.48 -26.85 -8.00
N GLN D 298 19.46 -27.38 -6.78
CA GLN D 298 18.20 -27.78 -6.15
C GLN D 298 17.28 -26.58 -5.92
N GLN D 299 17.83 -25.42 -5.54
CA GLN D 299 17.01 -24.22 -5.41
C GLN D 299 16.59 -23.68 -6.76
N VAL D 300 17.45 -23.80 -7.78
CA VAL D 300 17.03 -23.43 -9.12
C VAL D 300 15.86 -24.29 -9.57
N ARG D 301 15.90 -25.60 -9.27
CA ARG D 301 14.80 -26.48 -9.66
C ARG D 301 13.49 -26.10 -8.96
N ALA D 302 13.56 -25.70 -7.69
CA ALA D 302 12.36 -25.27 -6.98
C ALA D 302 11.76 -24.02 -7.61
N ALA D 303 12.59 -23.01 -7.86
CA ALA D 303 12.13 -21.81 -8.56
C ALA D 303 11.56 -22.15 -9.93
N ARG D 304 12.21 -23.06 -10.65
CA ARG D 304 11.73 -23.43 -11.96
C ARG D 304 10.36 -24.12 -11.88
N GLN D 305 10.15 -24.91 -10.83
CA GLN D 305 8.85 -25.55 -10.64
C GLN D 305 7.75 -24.51 -10.44
N ILE D 306 8.03 -23.43 -9.68
CA ILE D 306 7.06 -22.36 -9.50
C ILE D 306 6.78 -21.65 -10.82
N VAL D 307 7.85 -21.27 -11.54
CA VAL D 307 7.72 -20.57 -12.81
C VAL D 307 6.86 -21.37 -13.79
N GLU D 308 7.17 -22.66 -13.91
CA GLU D 308 6.43 -23.49 -14.87
C GLU D 308 5.03 -23.80 -14.37
N GLY D 309 4.84 -23.89 -13.05
CA GLY D 309 3.49 -24.04 -12.51
C GLY D 309 2.59 -22.87 -12.90
N LEU D 310 3.15 -21.66 -12.95
CA LEU D 310 2.45 -20.46 -13.37
C LEU D 310 2.17 -20.44 -14.86
N GLY D 311 2.67 -21.39 -15.62
CA GLY D 311 2.55 -21.34 -17.06
C GLY D 311 3.58 -20.48 -17.74
N LEU D 312 4.64 -20.11 -17.03
CA LEU D 312 5.72 -19.31 -17.59
C LEU D 312 6.88 -20.22 -17.94
N GLU D 313 7.93 -19.65 -18.51
CA GLU D 313 9.13 -20.42 -18.86
C GLU D 313 10.35 -19.72 -18.28
N VAL D 314 11.35 -20.54 -17.93
CA VAL D 314 12.63 -20.04 -17.46
C VAL D 314 13.41 -19.47 -18.64
N ALA D 315 13.98 -18.28 -18.47
CA ALA D 315 14.75 -17.66 -19.55
C ALA D 315 16.08 -18.39 -19.77
N THR D 316 16.47 -18.55 -21.04
CA THR D 316 17.82 -19.00 -21.36
C THR D 316 18.81 -17.87 -21.14
N PRO D 317 20.11 -18.18 -21.10
CA PRO D 317 21.10 -17.08 -21.07
C PRO D 317 20.95 -16.09 -22.22
N ALA D 318 20.70 -16.59 -23.45
CA ALA D 318 20.53 -15.68 -24.57
C ALA D 318 19.32 -14.77 -24.37
N GLU D 319 18.23 -15.31 -23.82
CA GLU D 319 17.05 -14.47 -23.56
C GLU D 319 17.33 -13.44 -22.48
N ALA D 320 18.08 -13.83 -21.45
CA ALA D 320 18.50 -12.87 -20.43
C ALA D 320 19.34 -11.76 -21.04
N ARG D 321 20.27 -12.11 -21.94
CA ARG D 321 21.13 -11.09 -22.56
C ARG D 321 20.29 -10.10 -23.36
N GLU D 322 19.23 -10.58 -24.03
CA GLU D 322 18.35 -9.68 -24.75
C GLU D 322 17.53 -8.82 -23.78
N LEU D 323 16.96 -9.43 -22.73
CA LEU D 323 16.17 -8.67 -21.77
C LEU D 323 17.00 -7.61 -21.06
N LEU D 324 18.28 -7.90 -20.82
CA LEU D 324 19.13 -7.00 -20.04
C LEU D 324 20.09 -6.19 -20.89
N ALA D 325 20.06 -6.38 -22.22
CA ALA D 325 20.89 -5.62 -23.16
C ALA D 325 22.38 -5.80 -22.86
N LEU D 326 22.80 -7.05 -22.68
CA LEU D 326 24.17 -7.38 -22.32
C LEU D 326 25.03 -7.57 -23.57
N LYS D 327 26.35 -7.46 -23.39
CA LYS D 327 27.25 -7.45 -24.53
C LYS D 327 27.52 -8.84 -25.11
N GLY D 328 27.28 -9.91 -24.35
CA GLY D 328 27.54 -11.23 -24.88
C GLY D 328 28.60 -11.99 -24.11
N GLY D 329 28.42 -13.30 -23.92
CA GLY D 329 29.30 -14.09 -23.09
C GLY D 329 30.70 -14.29 -23.66
N ASP D 330 30.91 -13.99 -24.94
CA ASP D 330 32.21 -14.10 -25.55
C ASP D 330 32.85 -12.73 -25.79
N GLN D 331 32.30 -11.67 -25.21
CA GLN D 331 32.93 -10.36 -25.28
C GLN D 331 33.44 -9.94 -23.90
N VAL D 332 34.13 -10.85 -23.22
CA VAL D 332 34.60 -10.66 -21.85
C VAL D 332 36.08 -10.99 -21.82
N ASN D 333 36.76 -10.55 -20.76
CA ASN D 333 38.20 -10.80 -20.65
C ASN D 333 38.50 -12.04 -19.83
N PHE D 334 37.92 -13.17 -20.24
CA PHE D 334 38.25 -14.47 -19.68
C PHE D 334 37.70 -15.54 -20.59
#